data_3KS6
#
_entry.id   3KS6
#
_cell.length_a   83.427
_cell.length_b   99.797
_cell.length_c   134.656
_cell.angle_alpha   90.000
_cell.angle_beta   90.000
_cell.angle_gamma   90.000
#
_symmetry.space_group_name_H-M   'P 21 21 21'
#
loop_
_entity.id
_entity.type
_entity.pdbx_description
1 polymer 'Glycerophosphoryl diester phosphodiesterase'
2 non-polymer 'UNKNOWN LIGAND'
3 non-polymer 'MAGNESIUM ION'
4 non-polymer 'CHLORIDE ION'
5 non-polymer 'ACETATE ION'
6 non-polymer DI(HYDROXYETHYL)ETHER
7 water water
#
_entity_poly.entity_id   1
_entity_poly.type   'polypeptide(L)'
_entity_poly.pdbx_seq_one_letter_code
;G(MSE)TRIASHRGGTLEFGDSTPHGFTATAA(MSE)ALEEVEFDLHPTADGAIVVHHDPTLDATTD(MSE)TGAIVD
(MSE)TLAKVKTATIRYGAGSHP(MSE)TLEELCALYVDSHVNFRCEIKPGVDGLPYEGFVALVIAGLERHS(MSE)LER
TTFSSFLLAS(MSE)DELWKATTRPRLWLVSPSVLQQLGPGAVIETAIAHSIHEIGVHIDTADAGL(MSE)AQVQAAGLD
FGCWAAHTPSQITKALDLGVKVFTTDRPTLAIALRTEHR(MSE)EASV
;
_entity_poly.pdbx_strand_id   A,B,C,D
#
loop_
_chem_comp.id
_chem_comp.type
_chem_comp.name
_chem_comp.formula
ACT non-polymer 'ACETATE ION' 'C2 H3 O2 -1'
CL non-polymer 'CHLORIDE ION' 'Cl -1'
MG non-polymer 'MAGNESIUM ION' 'Mg 2'
PEG non-polymer DI(HYDROXYETHYL)ETHER 'C4 H10 O3'
UNL non-polymer 'UNKNOWN LIGAND' ?
#
# COMPACT_ATOMS: atom_id res chain seq x y z
N GLY A 1 -13.69 -9.90 8.40
CA GLY A 1 -12.72 -9.26 9.35
C GLY A 1 -13.51 -8.27 10.17
N MSE A 2 -13.14 -8.08 11.42
CA MSE A 2 -13.93 -7.20 12.24
C MSE A 2 -13.42 -5.76 12.11
O MSE A 2 -12.24 -5.52 11.80
CB MSE A 2 -13.98 -7.67 13.70
CG MSE A 2 -12.83 -7.27 14.54
SE MSE A 2 -13.06 -7.70 16.40
CE MSE A 2 -14.40 -6.39 16.93
N THR A 3 -14.33 -4.82 12.35
CA THR A 3 -14.02 -3.41 12.47
C THR A 3 -14.31 -3.01 13.91
N ARG A 4 -13.27 -2.56 14.60
CA ARG A 4 -13.36 -2.18 16.00
C ARG A 4 -13.80 -0.72 16.11
N ILE A 5 -14.49 -0.43 17.22
CA ILE A 5 -15.02 0.89 17.51
C ILE A 5 -14.29 1.46 18.74
N ALA A 6 -13.78 2.69 18.60
CA ALA A 6 -13.16 3.40 19.71
C ALA A 6 -13.94 4.68 20.00
N SER A 7 -14.30 4.90 21.26
CA SER A 7 -15.07 6.08 21.65
C SER A 7 -14.15 7.28 21.81
N HIS A 8 -14.32 8.29 20.94
CA HIS A 8 -13.42 9.44 20.84
C HIS A 8 -13.62 10.36 22.02
N ARG A 9 -12.61 10.45 22.87
CA ARG A 9 -12.65 11.29 24.05
C ARG A 9 -13.80 10.92 25.00
N GLY A 10 -14.20 9.64 24.99
CA GLY A 10 -15.31 9.19 25.78
C GLY A 10 -16.67 9.39 25.13
N GLY A 11 -16.69 9.95 23.90
CA GLY A 11 -17.92 10.15 23.11
C GLY A 11 -18.34 11.61 23.14
N THR A 12 -17.51 12.47 22.55
CA THR A 12 -17.64 13.93 22.67
C THR A 12 -19.04 14.48 22.41
N LEU A 13 -19.64 14.03 21.33
CA LEU A 13 -20.90 14.62 20.89
C LEU A 13 -22.09 14.05 21.63
N GLU A 14 -21.87 13.04 22.48
CA GLU A 14 -22.93 12.50 23.34
C GLU A 14 -22.83 13.04 24.78
N PHE A 15 -21.59 13.17 25.29
CA PHE A 15 -21.36 13.45 26.71
C PHE A 15 -20.42 14.60 27.05
N GLY A 16 -19.97 15.32 26.03
CA GLY A 16 -18.99 16.36 26.25
C GLY A 16 -17.61 15.79 26.04
N ASP A 17 -16.63 16.69 25.97
CA ASP A 17 -15.28 16.33 25.64
C ASP A 17 -14.48 15.85 26.86
N SER A 18 -14.13 14.57 26.86
CA SER A 18 -13.27 14.00 27.91
C SER A 18 -13.84 14.15 29.32
N THR A 19 -15.13 13.86 29.44
CA THR A 19 -15.81 14.06 30.72
C THR A 19 -15.92 12.76 31.48
N PRO A 20 -16.00 12.85 32.82
CA PRO A 20 -16.29 11.65 33.61
C PRO A 20 -17.54 10.89 33.12
N HIS A 21 -18.61 11.61 32.80
CA HIS A 21 -19.83 10.95 32.27
C HIS A 21 -19.53 10.15 30.99
N GLY A 22 -18.81 10.76 30.04
CA GLY A 22 -18.51 10.03 28.80
C GLY A 22 -17.62 8.83 29.04
N PHE A 23 -16.57 9.00 29.82
CA PHE A 23 -15.70 7.87 30.04
C PHE A 23 -16.39 6.71 30.82
N THR A 24 -17.32 7.09 31.70
CA THR A 24 -18.06 6.13 32.52
C THR A 24 -19.05 5.39 31.62
N ALA A 25 -19.77 6.14 30.79
CA ALA A 25 -20.76 5.55 29.92
C ALA A 25 -20.06 4.65 28.90
N THR A 26 -18.93 5.12 28.37
CA THR A 26 -18.17 4.31 27.40
C THR A 26 -17.70 2.96 27.96
N ALA A 27 -17.26 2.95 29.23
CA ALA A 27 -16.77 1.73 29.89
C ALA A 27 -17.80 0.64 29.92
N ALA A 28 -19.07 1.02 29.88
CA ALA A 28 -20.21 0.07 29.90
C ALA A 28 -20.79 -0.31 28.53
N MSE A 29 -20.24 0.24 27.44
CA MSE A 29 -20.76 -0.02 26.09
C MSE A 29 -20.13 -1.22 25.41
O MSE A 29 -19.01 -1.61 25.74
CB MSE A 29 -20.59 1.19 25.18
CG MSE A 29 -21.47 2.32 25.57
SE MSE A 29 -21.14 3.82 24.31
CE MSE A 29 -21.59 5.11 25.58
N ALA A 30 -20.85 -1.78 24.45
CA ALA A 30 -20.39 -2.92 23.70
C ALA A 30 -19.54 -2.46 22.54
N LEU A 31 -18.39 -1.86 22.88
CA LEU A 31 -17.38 -1.42 21.92
C LEU A 31 -16.05 -1.83 22.52
N GLU A 32 -14.96 -1.59 21.79
CA GLU A 32 -13.69 -2.20 22.11
C GLU A 32 -12.67 -1.31 22.74
N GLU A 33 -12.69 -0.01 22.43
CA GLU A 33 -11.72 0.92 22.99
C GLU A 33 -12.32 2.28 23.34
N VAL A 34 -11.65 2.94 24.27
CA VAL A 34 -11.90 4.34 24.57
C VAL A 34 -10.65 5.08 24.15
N GLU A 35 -10.82 6.18 23.40
CA GLU A 35 -9.71 7.02 22.99
C GLU A 35 -9.61 8.26 23.88
N PHE A 36 -8.39 8.67 24.21
CA PHE A 36 -8.16 9.87 25.00
C PHE A 36 -6.73 10.37 24.80
N ASP A 37 -6.51 11.63 25.15
CA ASP A 37 -5.22 12.32 25.00
C ASP A 37 -4.78 12.73 26.40
N LEU A 38 -3.48 12.91 26.59
CA LEU A 38 -2.92 13.17 27.92
C LEU A 38 -1.95 14.33 27.86
N HIS A 39 -1.88 15.11 28.95
CA HIS A 39 -0.92 16.22 29.11
C HIS A 39 -0.34 16.25 30.53
N PRO A 40 0.92 16.66 30.66
CA PRO A 40 1.47 16.81 32.00
C PRO A 40 1.09 18.13 32.63
N THR A 41 0.99 18.17 33.97
CA THR A 41 0.85 19.43 34.70
C THR A 41 2.22 19.91 35.15
N ALA A 42 2.30 21.12 35.72
CA ALA A 42 3.58 21.66 36.17
C ALA A 42 4.17 20.87 37.34
N ASP A 43 3.30 20.28 38.16
CA ASP A 43 3.68 19.56 39.37
C ASP A 43 3.71 18.03 39.20
N GLY A 44 3.81 17.59 37.95
CA GLY A 44 4.11 16.18 37.66
C GLY A 44 2.96 15.21 37.61
N ALA A 45 1.76 15.72 37.37
CA ALA A 45 0.58 14.88 37.26
C ALA A 45 0.26 14.71 35.77
N ILE A 46 -0.69 13.80 35.49
CA ILE A 46 -1.13 13.46 34.15
C ILE A 46 -2.65 13.72 34.08
N VAL A 47 -3.08 14.63 33.22
N VAL A 47 -3.03 14.63 33.17
CA VAL A 47 -4.50 14.90 33.06
CA VAL A 47 -4.40 15.08 32.93
C VAL A 47 -4.96 14.52 31.66
C VAL A 47 -4.93 14.48 31.63
N VAL A 48 -6.22 14.13 31.61
CA VAL A 48 -6.88 13.65 30.40
C VAL A 48 -7.62 14.86 29.77
N HIS A 49 -7.12 15.33 28.65
CA HIS A 49 -7.63 16.53 27.97
C HIS A 49 -7.12 16.53 26.56
N HIS A 50 -7.92 17.04 25.62
CA HIS A 50 -7.47 17.06 24.23
C HIS A 50 -6.42 18.14 23.95
N ASP A 51 -6.81 19.42 24.05
CA ASP A 51 -5.85 20.50 23.75
C ASP A 51 -4.81 20.65 24.87
N PRO A 52 -3.64 21.20 24.55
CA PRO A 52 -2.64 21.44 25.58
C PRO A 52 -3.03 22.61 26.48
N THR A 53 -4.13 23.28 26.13
CA THR A 53 -4.67 24.38 26.92
C THR A 53 -6.11 24.08 27.29
N LEU A 54 -6.56 24.73 28.35
CA LEU A 54 -7.90 24.53 28.85
C LEU A 54 -8.98 25.39 28.16
N ASP A 55 -8.59 26.32 27.28
CA ASP A 55 -9.49 27.36 26.76
C ASP A 55 -10.76 26.86 26.07
N ALA A 56 -10.62 25.89 25.17
CA ALA A 56 -11.70 25.47 24.25
C ALA A 56 -12.83 24.72 24.89
N THR A 57 -12.51 23.86 25.86
CA THR A 57 -13.54 23.04 26.49
C THR A 57 -13.83 23.28 27.96
N THR A 58 -13.27 24.33 28.57
CA THR A 58 -13.61 24.64 29.94
C THR A 58 -13.86 26.15 30.10
N ASP A 59 -14.08 26.54 31.34
CA ASP A 59 -14.22 27.93 31.72
C ASP A 59 -12.92 28.66 32.07
N MSE A 60 -11.78 27.97 32.00
N MSE A 60 -11.77 27.96 32.02
CA MSE A 60 -10.47 28.53 32.34
CA MSE A 60 -10.46 28.55 32.36
C MSE A 60 -9.63 28.65 31.09
C MSE A 60 -9.69 28.79 31.08
O MSE A 60 -10.01 28.15 30.04
O MSE A 60 -10.19 28.54 29.99
CB MSE A 60 -9.72 27.62 33.32
CB MSE A 60 -9.61 27.58 33.19
CG MSE A 60 -10.45 27.35 34.59
CG MSE A 60 -10.31 26.77 34.24
SE MSE A 60 -10.56 28.94 35.64
SE MSE A 60 -9.83 27.15 36.09
CE MSE A 60 -11.74 28.25 37.11
CE MSE A 60 -7.93 27.02 35.90
N THR A 61 -8.46 29.26 31.25
CA THR A 61 -7.56 29.51 30.16
C THR A 61 -6.19 29.13 30.66
N GLY A 62 -5.30 28.79 29.73
CA GLY A 62 -3.92 28.50 30.02
C GLY A 62 -3.43 27.11 29.62
N ALA A 63 -2.12 26.99 29.49
CA ALA A 63 -1.45 25.73 29.18
C ALA A 63 -1.39 24.82 30.39
N ILE A 64 -1.85 23.57 30.23
CA ILE A 64 -1.89 22.61 31.33
C ILE A 64 -0.51 22.43 31.97
N VAL A 65 0.55 22.34 31.15
CA VAL A 65 1.90 22.09 31.64
C VAL A 65 2.43 23.23 32.53
N ASP A 66 1.84 24.43 32.44
CA ASP A 66 2.22 25.58 33.27
C ASP A 66 1.40 25.65 34.56
N MSE A 67 0.48 24.72 34.77
CA MSE A 67 -0.46 24.78 35.88
C MSE A 67 -0.29 23.60 36.81
O MSE A 67 0.06 22.52 36.35
CB MSE A 67 -1.90 24.73 35.34
CG MSE A 67 -2.30 25.90 34.48
SE MSE A 67 -4.10 25.56 33.70
CE MSE A 67 -4.14 26.92 32.73
N THR A 68 -0.63 23.76 38.09
CA THR A 68 -0.67 22.64 39.00
C THR A 68 -1.93 21.85 38.74
N LEU A 69 -1.94 20.60 39.17
CA LEU A 69 -3.14 19.79 39.09
C LEU A 69 -4.30 20.46 39.83
N ALA A 70 -4.06 21.06 41.01
CA ALA A 70 -5.16 21.70 41.75
C ALA A 70 -5.83 22.82 40.92
N LYS A 71 -5.04 23.59 40.19
CA LYS A 71 -5.59 24.65 39.38
C LYS A 71 -6.43 24.03 38.25
N VAL A 72 -5.87 23.02 37.58
CA VAL A 72 -6.61 22.32 36.51
C VAL A 72 -7.94 21.80 37.03
N LYS A 73 -7.92 21.26 38.24
CA LYS A 73 -9.10 20.69 38.86
C LYS A 73 -10.17 21.72 39.21
N THR A 74 -9.85 23.00 39.23
CA THR A 74 -10.89 24.01 39.43
C THR A 74 -11.71 24.30 38.14
N ALA A 75 -11.19 23.90 36.98
CA ALA A 75 -11.90 24.11 35.72
C ALA A 75 -13.14 23.24 35.64
N THR A 76 -14.16 23.76 34.95
N THR A 76 -14.21 23.75 35.03
CA THR A 76 -15.42 23.08 34.72
CA THR A 76 -15.38 22.93 34.76
C THR A 76 -15.49 22.80 33.22
C THR A 76 -15.51 22.78 33.25
N ILE A 77 -15.83 21.57 32.85
CA ILE A 77 -15.89 21.19 31.46
C ILE A 77 -17.21 21.63 30.84
N ARG A 78 -17.12 22.28 29.68
N ARG A 78 -17.13 22.34 29.72
CA ARG A 78 -18.32 22.69 28.95
CA ARG A 78 -18.34 22.75 29.00
C ARG A 78 -19.17 21.48 28.66
C ARG A 78 -19.17 21.52 28.65
N TYR A 79 -20.48 21.62 28.90
CA TYR A 79 -21.46 20.54 28.64
C TYR A 79 -21.27 19.35 29.56
N GLY A 80 -20.50 19.52 30.64
CA GLY A 80 -20.13 18.44 31.55
C GLY A 80 -20.80 18.49 32.92
N ALA A 81 -21.87 19.29 33.02
CA ALA A 81 -22.71 19.40 34.21
C ALA A 81 -21.89 19.61 35.48
N GLY A 82 -20.89 20.49 35.40
CA GLY A 82 -20.07 20.78 36.54
C GLY A 82 -18.87 19.87 36.82
N SER A 83 -18.63 18.88 35.97
N SER A 83 -18.63 18.90 35.95
CA SER A 83 -17.48 17.99 36.15
CA SER A 83 -17.46 18.00 36.10
C SER A 83 -16.15 18.70 35.86
C SER A 83 -16.15 18.72 35.86
N HIS A 84 -15.07 18.14 36.39
CA HIS A 84 -13.72 18.68 36.22
C HIS A 84 -12.83 17.74 35.40
N PRO A 85 -11.76 18.27 34.81
CA PRO A 85 -10.83 17.39 34.12
C PRO A 85 -10.32 16.23 34.97
N MSE A 86 -10.18 15.08 34.35
CA MSE A 86 -9.70 13.86 35.03
C MSE A 86 -8.19 13.68 34.98
O MSE A 86 -7.52 14.19 34.07
CB MSE A 86 -10.31 12.60 34.40
CG MSE A 86 -11.82 12.53 34.31
SE MSE A 86 -12.41 10.76 33.79
CE MSE A 86 -12.25 9.79 35.39
N THR A 87 -7.68 12.93 35.96
CA THR A 87 -6.32 12.43 35.92
C THR A 87 -6.33 11.05 35.26
N LEU A 88 -5.16 10.63 34.78
CA LEU A 88 -5.03 9.29 34.21
C LEU A 88 -5.49 8.24 35.26
N GLU A 89 -5.07 8.40 36.51
CA GLU A 89 -5.42 7.45 37.57
C GLU A 89 -6.93 7.29 37.72
N GLU A 90 -7.63 8.41 37.72
CA GLU A 90 -9.09 8.41 37.84
C GLU A 90 -9.72 7.69 36.64
N LEU A 91 -9.18 7.93 35.44
CA LEU A 91 -9.63 7.23 34.22
C LEU A 91 -9.39 5.72 34.36
N CYS A 92 -8.21 5.34 34.82
CA CYS A 92 -7.88 3.93 34.99
C CYS A 92 -8.87 3.24 35.94
N ALA A 93 -9.23 3.92 37.02
CA ALA A 93 -10.21 3.38 37.98
C ALA A 93 -11.55 3.07 37.34
N LEU A 94 -11.96 3.87 36.34
CA LEU A 94 -13.21 3.59 35.67
C LEU A 94 -13.19 2.30 34.83
N TYR A 95 -12.01 1.89 34.38
CA TYR A 95 -11.87 0.80 33.40
C TYR A 95 -11.35 -0.50 34.00
N VAL A 96 -11.13 -0.51 35.32
CA VAL A 96 -10.54 -1.65 36.02
C VAL A 96 -11.29 -2.95 35.71
N ASP A 97 -12.62 -2.89 35.75
CA ASP A 97 -13.49 -4.03 35.52
C ASP A 97 -14.20 -4.03 34.18
N SER A 98 -13.87 -3.11 33.28
CA SER A 98 -14.52 -3.04 31.99
C SER A 98 -13.79 -3.92 30.99
N HIS A 99 -14.51 -4.41 29.98
CA HIS A 99 -13.87 -5.13 28.86
C HIS A 99 -13.24 -4.18 27.84
N VAL A 100 -13.56 -2.89 27.94
CA VAL A 100 -13.07 -1.85 26.98
C VAL A 100 -11.62 -1.48 27.32
N ASN A 101 -10.77 -1.37 26.29
CA ASN A 101 -9.36 -1.11 26.47
C ASN A 101 -9.00 0.29 26.03
N PHE A 102 -7.72 0.66 26.18
CA PHE A 102 -7.31 2.04 26.00
C PHE A 102 -6.64 2.27 24.65
N ARG A 103 -6.94 3.41 24.05
CA ARG A 103 -6.23 3.95 22.90
C ARG A 103 -5.74 5.34 23.39
N CYS A 104 -4.48 5.40 23.74
CA CYS A 104 -3.88 6.56 24.37
C CYS A 104 -3.12 7.43 23.37
N GLU A 105 -3.47 8.70 23.22
CA GLU A 105 -2.75 9.57 22.28
C GLU A 105 -1.78 10.47 23.00
N ILE A 106 -0.55 10.49 22.50
CA ILE A 106 0.54 11.34 22.98
C ILE A 106 0.56 12.62 22.14
N LYS A 107 0.19 13.73 22.78
N LYS A 107 0.21 13.74 22.75
CA LYS A 107 0.09 15.05 22.19
CA LYS A 107 0.13 15.02 22.06
C LYS A 107 1.29 15.91 22.57
C LYS A 107 1.16 16.01 22.58
N PRO A 108 1.66 16.87 21.70
CA PRO A 108 2.69 17.84 22.07
C PRO A 108 2.08 19.01 22.84
N GLY A 109 2.94 19.92 23.29
CA GLY A 109 2.49 21.15 23.92
C GLY A 109 2.11 22.25 22.95
N VAL A 110 1.84 23.43 23.52
CA VAL A 110 1.40 24.57 22.73
C VAL A 110 2.34 24.87 21.56
N ASP A 111 3.64 24.78 21.79
CA ASP A 111 4.64 25.04 20.75
C ASP A 111 4.79 23.94 19.67
N GLY A 112 3.97 22.89 19.77
CA GLY A 112 3.99 21.77 18.82
C GLY A 112 5.12 20.79 19.05
N LEU A 113 5.89 20.98 20.12
CA LEU A 113 6.97 20.07 20.42
C LEU A 113 6.55 19.00 21.44
N PRO A 114 7.13 17.80 21.31
CA PRO A 114 6.82 16.80 22.33
C PRO A 114 7.23 17.24 23.73
N TYR A 115 6.46 16.83 24.73
CA TYR A 115 6.81 17.10 26.11
C TYR A 115 7.96 16.17 26.52
N GLU A 116 9.07 16.76 26.94
N GLU A 116 9.04 16.77 27.00
CA GLU A 116 10.24 15.98 27.31
CA GLU A 116 10.22 16.02 27.37
C GLU A 116 9.92 15.06 28.49
C GLU A 116 9.92 15.05 28.51
N GLY A 117 10.32 13.79 28.35
CA GLY A 117 10.12 12.77 29.41
C GLY A 117 8.71 12.26 29.66
N PHE A 118 7.75 12.71 28.87
CA PHE A 118 6.37 12.43 29.14
C PHE A 118 5.97 10.99 28.78
N VAL A 119 6.51 10.45 27.69
CA VAL A 119 6.20 9.09 27.33
C VAL A 119 6.57 8.17 28.52
N ALA A 120 7.73 8.40 29.13
CA ALA A 120 8.15 7.62 30.32
C ALA A 120 7.13 7.76 31.47
N LEU A 121 6.68 9.00 31.74
CA LEU A 121 5.69 9.26 32.80
C LEU A 121 4.38 8.53 32.55
N VAL A 122 3.94 8.60 31.31
CA VAL A 122 2.67 7.96 30.95
C VAL A 122 2.76 6.43 31.13
N ILE A 123 3.83 5.83 30.61
CA ILE A 123 4.02 4.38 30.71
C ILE A 123 4.07 3.97 32.20
N ALA A 124 4.78 4.75 33.02
CA ALA A 124 4.83 4.50 34.47
C ALA A 124 3.49 4.61 35.15
N GLY A 125 2.71 5.61 34.79
CA GLY A 125 1.38 5.76 35.35
C GLY A 125 0.47 4.63 34.96
N LEU A 126 0.51 4.22 33.70
CA LEU A 126 -0.30 3.09 33.28
C LEU A 126 0.11 1.78 34.01
N GLU A 127 1.41 1.60 34.18
CA GLU A 127 1.93 0.40 34.90
C GLU A 127 1.46 0.39 36.33
N ARG A 128 1.48 1.56 36.95
CA ARG A 128 1.08 1.70 38.33
C ARG A 128 -0.36 1.26 38.58
N HIS A 129 -1.22 1.49 37.61
CA HIS A 129 -2.64 1.18 37.71
C HIS A 129 -3.03 -0.04 36.86
N SER A 130 -2.01 -0.82 36.45
CA SER A 130 -2.16 -2.06 35.70
C SER A 130 -3.00 -1.95 34.44
N MSE A 131 -2.80 -0.86 33.70
CA MSE A 131 -3.50 -0.67 32.43
C MSE A 131 -2.56 -0.72 31.22
O MSE A 131 -3.05 -0.68 30.09
CB MSE A 131 -4.28 0.63 32.44
CG MSE A 131 -5.47 0.64 33.38
SE MSE A 131 -6.80 -0.69 32.87
CE MSE A 131 -7.26 -0.04 31.11
N LEU A 132 -1.23 -0.81 31.41
CA LEU A 132 -0.31 -0.80 30.27
C LEU A 132 -0.62 -1.91 29.28
N GLU A 133 -0.85 -3.11 29.80
CA GLU A 133 -1.11 -4.27 28.95
C GLU A 133 -2.45 -4.21 28.24
N ARG A 134 -3.27 -3.23 28.58
CA ARG A 134 -4.52 -3.00 27.86
C ARG A 134 -4.49 -1.70 27.07
N THR A 135 -3.30 -1.23 26.71
CA THR A 135 -3.20 0.06 26.02
C THR A 135 -2.53 -0.07 24.64
N THR A 136 -3.12 0.62 23.67
CA THR A 136 -2.50 0.90 22.37
C THR A 136 -2.16 2.39 22.37
N PHE A 137 -1.00 2.75 21.82
CA PHE A 137 -0.58 4.14 21.79
C PHE A 137 -0.66 4.72 20.39
N SER A 138 -1.01 5.99 20.31
CA SER A 138 -1.14 6.66 19.02
C SER A 138 -0.50 8.06 19.13
N SER A 139 -0.09 8.62 18.00
CA SER A 139 0.38 10.01 17.98
C SER A 139 0.42 10.47 16.57
N PHE A 140 0.26 11.78 16.35
CA PHE A 140 0.55 12.36 15.02
C PHE A 140 2.05 12.58 14.81
N LEU A 141 2.82 12.60 15.91
CA LEU A 141 4.23 12.97 15.89
C LEU A 141 5.16 11.77 15.81
N LEU A 142 5.95 11.72 14.75
CA LEU A 142 6.94 10.66 14.58
C LEU A 142 7.98 10.65 15.69
N ALA A 143 8.34 11.83 16.23
CA ALA A 143 9.27 11.86 17.34
C ALA A 143 8.73 11.04 18.49
N SER A 144 7.44 11.20 18.75
CA SER A 144 6.75 10.50 19.82
C SER A 144 6.58 9.01 19.47
N MSE A 145 6.39 8.69 18.20
N MSE A 145 6.33 8.70 18.20
CA MSE A 145 6.33 7.29 17.78
CA MSE A 145 6.30 7.30 17.77
C MSE A 145 7.67 6.62 18.01
C MSE A 145 7.66 6.65 18.09
O MSE A 145 7.75 5.44 18.41
O MSE A 145 7.72 5.57 18.66
CB MSE A 145 5.96 7.21 16.30
CB MSE A 145 6.04 7.16 16.26
CG MSE A 145 4.60 7.80 15.96
CG MSE A 145 4.58 7.30 15.79
SE MSE A 145 3.08 6.86 16.76
SE MSE A 145 3.43 5.74 16.14
CE MSE A 145 3.08 7.32 18.50
CE MSE A 145 2.55 6.44 17.67
N ASP A 146 8.74 7.35 17.73
CA ASP A 146 10.08 6.84 17.96
C ASP A 146 10.36 6.59 19.44
N GLU A 147 9.90 7.49 20.29
CA GLU A 147 10.03 7.30 21.74
C GLU A 147 9.30 6.09 22.26
N LEU A 148 8.06 5.95 21.80
CA LEU A 148 7.27 4.79 22.18
C LEU A 148 7.91 3.49 21.72
N TRP A 149 8.48 3.48 20.52
CA TRP A 149 9.12 2.27 20.00
C TRP A 149 10.23 1.78 20.94
N LYS A 150 10.96 2.71 21.52
CA LYS A 150 12.05 2.35 22.41
C LYS A 150 11.54 1.96 23.78
N ALA A 151 10.46 2.60 24.21
CA ALA A 151 9.94 2.48 25.57
C ALA A 151 8.96 1.36 25.86
N THR A 152 8.23 0.87 24.86
CA THR A 152 7.18 -0.10 25.13
C THR A 152 7.02 -1.05 23.97
N THR A 153 6.60 -2.26 24.30
CA THR A 153 6.29 -3.27 23.33
C THR A 153 4.81 -3.26 22.99
N ARG A 154 4.03 -2.35 23.62
CA ARG A 154 2.61 -2.21 23.30
C ARG A 154 2.38 -1.77 21.86
N PRO A 155 1.23 -2.10 21.28
CA PRO A 155 0.99 -1.68 19.92
C PRO A 155 0.98 -0.17 19.78
N ARG A 156 1.50 0.31 18.64
CA ARG A 156 1.54 1.73 18.28
C ARG A 156 0.87 1.94 16.93
N LEU A 157 0.24 3.11 16.76
CA LEU A 157 -0.28 3.51 15.45
C LEU A 157 0.00 5.00 15.22
N TRP A 158 0.41 5.29 13.98
CA TRP A 158 0.73 6.64 13.54
C TRP A 158 -0.50 7.27 12.92
N LEU A 159 -0.89 8.39 13.50
CA LEU A 159 -1.99 9.21 13.00
C LEU A 159 -1.44 10.12 11.95
N VAL A 160 -1.99 9.95 10.75
CA VAL A 160 -1.53 10.69 9.53
C VAL A 160 -2.60 11.72 9.16
N SER A 161 -2.28 12.98 9.37
CA SER A 161 -3.22 14.08 9.10
C SER A 161 -3.50 14.23 7.60
N PRO A 162 -4.66 14.79 7.25
CA PRO A 162 -4.93 15.09 5.82
C PRO A 162 -3.77 15.81 5.11
N SER A 163 -3.14 16.78 5.78
CA SER A 163 -2.02 17.56 5.22
C SER A 163 -0.80 16.71 4.92
N VAL A 164 -0.40 15.89 5.88
CA VAL A 164 0.71 14.98 5.69
C VAL A 164 0.40 13.97 4.55
N LEU A 165 -0.82 13.42 4.54
CA LEU A 165 -1.19 12.43 3.54
C LEU A 165 -1.15 13.03 2.14
N GLN A 166 -1.69 14.25 2.02
N GLN A 166 -1.68 14.25 2.00
CA GLN A 166 -1.76 14.96 0.74
CA GLN A 166 -1.74 14.89 0.70
C GLN A 166 -0.41 15.39 0.25
C GLN A 166 -0.36 15.32 0.23
N GLN A 167 0.44 15.83 1.16
CA GLN A 167 1.75 16.39 0.78
C GLN A 167 2.83 15.35 0.62
N LEU A 168 3.02 14.47 1.60
CA LEU A 168 3.91 13.33 1.36
C LEU A 168 3.40 12.42 0.27
N GLY A 169 2.08 12.30 0.18
CA GLY A 169 1.45 11.31 -0.72
C GLY A 169 1.49 9.92 -0.05
N PRO A 170 0.59 9.00 -0.47
CA PRO A 170 0.52 7.71 0.19
C PRO A 170 1.77 6.86 0.12
N GLY A 171 2.49 6.92 -1.00
CA GLY A 171 3.71 6.14 -1.15
C GLY A 171 4.73 6.47 -0.10
N ALA A 172 4.95 7.79 0.10
CA ALA A 172 5.93 8.30 1.09
C ALA A 172 5.42 8.15 2.51
N VAL A 173 4.11 8.23 2.71
CA VAL A 173 3.56 7.95 4.06
C VAL A 173 3.90 6.51 4.44
N ILE A 174 3.73 5.59 3.49
CA ILE A 174 3.99 4.19 3.72
C ILE A 174 5.49 3.94 3.91
N GLU A 175 6.33 4.57 3.07
N GLU A 175 6.35 4.54 3.09
CA GLU A 175 7.80 4.51 3.21
CA GLU A 175 7.79 4.33 3.28
C GLU A 175 8.21 4.85 4.64
C GLU A 175 8.28 4.87 4.64
N THR A 176 7.67 5.97 5.10
CA THR A 176 8.01 6.56 6.36
C THR A 176 7.62 5.68 7.53
N ALA A 177 6.41 5.15 7.48
CA ALA A 177 5.97 4.22 8.50
C ALA A 177 6.91 3.01 8.58
N ILE A 178 7.25 2.42 7.45
CA ILE A 178 8.12 1.26 7.41
C ILE A 178 9.49 1.58 7.99
N ALA A 179 10.05 2.73 7.61
CA ALA A 179 11.38 3.17 8.03
C ALA A 179 11.43 3.36 9.55
N HIS A 180 10.28 3.69 10.12
CA HIS A 180 10.14 3.89 11.56
C HIS A 180 9.54 2.71 12.35
N SER A 181 9.49 1.55 11.71
CA SER A 181 8.96 0.33 12.34
C SER A 181 7.56 0.52 12.90
N ILE A 182 6.72 1.24 12.16
CA ILE A 182 5.31 1.47 12.51
C ILE A 182 4.52 0.45 11.66
N HIS A 183 3.59 -0.24 12.30
CA HIS A 183 2.83 -1.31 11.67
C HIS A 183 1.38 -0.99 11.41
N GLU A 184 0.96 0.23 11.76
CA GLU A 184 -0.41 0.66 11.58
C GLU A 184 -0.47 2.17 11.45
N ILE A 185 -1.29 2.67 10.51
CA ILE A 185 -1.58 4.10 10.41
C ILE A 185 -3.07 4.32 10.60
N GLY A 186 -3.43 5.54 11.00
CA GLY A 186 -4.83 5.95 11.07
C GLY A 186 -4.96 7.23 10.27
N VAL A 187 -5.90 7.25 9.33
CA VAL A 187 -6.20 8.44 8.53
C VAL A 187 -7.60 8.97 8.84
N HIS A 188 -7.81 10.28 8.62
CA HIS A 188 -9.14 10.88 8.69
C HIS A 188 -10.07 10.10 7.74
N ILE A 189 -11.27 9.77 8.21
CA ILE A 189 -12.21 8.98 7.41
C ILE A 189 -12.48 9.61 6.05
N ASP A 190 -12.53 10.94 5.99
CA ASP A 190 -12.82 11.63 4.72
C ASP A 190 -11.68 11.51 3.70
N THR A 191 -10.48 11.08 4.13
CA THR A 191 -9.36 10.81 3.24
C THR A 191 -9.17 9.33 2.89
N ALA A 192 -9.99 8.45 3.44
CA ALA A 192 -9.91 7.03 3.21
C ALA A 192 -10.72 6.67 1.99
N ASP A 193 -10.28 5.62 1.32
CA ASP A 193 -10.99 4.98 0.25
C ASP A 193 -10.36 3.62 -0.01
N ALA A 194 -11.01 2.82 -0.85
CA ALA A 194 -10.55 1.46 -1.16
C ALA A 194 -9.12 1.39 -1.66
N GLY A 195 -8.75 2.32 -2.56
CA GLY A 195 -7.40 2.31 -3.13
C GLY A 195 -6.34 2.59 -2.06
N LEU A 196 -6.59 3.57 -1.21
CA LEU A 196 -5.64 3.87 -0.12
C LEU A 196 -5.49 2.69 0.82
N MSE A 197 -6.60 2.13 1.24
CA MSE A 197 -6.54 0.97 2.12
C MSE A 197 -5.78 -0.19 1.52
O MSE A 197 -5.01 -0.85 2.20
CB MSE A 197 -7.97 0.57 2.56
CG MSE A 197 -8.00 -0.69 3.38
SE MSE A 197 -9.81 -1.01 4.00
CE MSE A 197 -9.57 -2.81 4.58
N ALA A 198 -6.02 -0.46 0.24
CA ALA A 198 -5.31 -1.50 -0.46
C ALA A 198 -3.82 -1.24 -0.51
N GLN A 199 -3.43 -0.02 -0.87
CA GLN A 199 -2.01 0.32 -0.96
C GLN A 199 -1.31 0.14 0.40
N VAL A 200 -1.97 0.59 1.46
CA VAL A 200 -1.45 0.49 2.82
C VAL A 200 -1.33 -1.01 3.25
N GLN A 201 -2.38 -1.77 3.03
CA GLN A 201 -2.33 -3.20 3.39
C GLN A 201 -1.37 -4.03 2.56
N ALA A 202 -1.17 -3.66 1.30
CA ALA A 202 -0.25 -4.35 0.41
C ALA A 202 1.19 -4.17 0.88
N ALA A 203 1.44 -3.09 1.63
CA ALA A 203 2.75 -2.83 2.25
C ALA A 203 2.93 -3.52 3.62
N GLY A 204 1.94 -4.28 4.03
CA GLY A 204 2.01 -5.00 5.30
C GLY A 204 1.50 -4.26 6.51
N LEU A 205 0.94 -3.05 6.32
CA LEU A 205 0.51 -2.20 7.39
C LEU A 205 -0.96 -2.33 7.68
N ASP A 206 -1.35 -2.18 8.93
CA ASP A 206 -2.77 -2.18 9.26
C ASP A 206 -3.34 -0.80 8.95
N PHE A 207 -4.64 -0.74 8.70
CA PHE A 207 -5.29 0.48 8.23
C PHE A 207 -6.55 0.76 9.01
N GLY A 208 -6.60 1.92 9.66
CA GLY A 208 -7.79 2.38 10.34
C GLY A 208 -8.06 3.86 10.16
N CYS A 209 -9.12 4.33 10.79
CA CYS A 209 -9.56 5.71 10.59
C CYS A 209 -9.92 6.45 11.88
N TRP A 210 -10.08 7.75 11.74
CA TRP A 210 -10.50 8.62 12.83
C TRP A 210 -11.42 9.72 12.26
N ALA A 211 -12.10 10.38 13.17
CA ALA A 211 -13.06 11.45 12.87
C ALA A 211 -14.35 10.99 12.20
N ALA A 212 -14.77 9.74 12.48
CA ALA A 212 -15.98 9.15 11.88
C ALA A 212 -17.15 9.45 12.79
N HIS A 213 -17.70 10.65 12.67
CA HIS A 213 -18.72 11.15 13.60
C HIS A 213 -20.17 11.11 13.09
N THR A 214 -20.37 10.98 11.79
CA THR A 214 -21.70 10.93 11.17
C THR A 214 -22.07 9.54 10.65
N PRO A 215 -23.38 9.27 10.41
CA PRO A 215 -23.75 7.99 9.89
C PRO A 215 -23.07 7.62 8.61
N SER A 216 -22.92 8.56 7.68
CA SER A 216 -22.29 8.25 6.40
C SER A 216 -20.81 7.86 6.61
N GLN A 217 -20.14 8.59 7.49
CA GLN A 217 -18.72 8.31 7.77
C GLN A 217 -18.52 6.98 8.48
N ILE A 218 -19.35 6.71 9.49
CA ILE A 218 -19.37 5.45 10.18
C ILE A 218 -19.64 4.31 9.21
N THR A 219 -20.66 4.45 8.36
CA THR A 219 -21.01 3.40 7.39
C THR A 219 -19.90 3.21 6.36
N LYS A 220 -19.21 4.30 5.98
CA LYS A 220 -18.09 4.16 5.06
C LYS A 220 -16.99 3.30 5.69
N ALA A 221 -16.67 3.59 6.95
CA ALA A 221 -15.66 2.84 7.72
C ALA A 221 -16.01 1.34 7.78
N LEU A 222 -17.28 1.04 8.09
CA LEU A 222 -17.78 -0.34 8.14
C LEU A 222 -17.76 -1.01 6.78
N ASP A 223 -18.21 -0.31 5.74
CA ASP A 223 -18.17 -0.79 4.35
C ASP A 223 -16.77 -1.04 3.88
N LEU A 224 -15.83 -0.15 4.22
CA LEU A 224 -14.42 -0.39 3.85
C LEU A 224 -13.77 -1.57 4.58
N GLY A 225 -14.27 -1.89 5.77
CA GLY A 225 -13.79 -3.01 6.56
C GLY A 225 -12.50 -2.64 7.25
N VAL A 226 -12.38 -1.38 7.68
CA VAL A 226 -11.15 -0.87 8.30
C VAL A 226 -10.93 -1.53 9.66
N LYS A 227 -9.69 -1.51 10.16
CA LYS A 227 -9.37 -2.17 11.40
C LYS A 227 -10.13 -1.58 12.57
N VAL A 228 -10.17 -0.25 12.65
CA VAL A 228 -10.74 0.44 13.77
C VAL A 228 -11.03 1.85 13.31
N PHE A 229 -12.01 2.48 13.97
CA PHE A 229 -12.24 3.93 13.81
C PHE A 229 -12.60 4.54 15.13
N THR A 230 -12.17 5.80 15.34
CA THR A 230 -12.64 6.58 16.48
C THR A 230 -13.88 7.38 16.06
N THR A 231 -14.78 7.56 17.02
CA THR A 231 -16.06 8.26 16.79
C THR A 231 -16.53 9.04 17.99
N ASP A 232 -17.06 10.22 17.72
CA ASP A 232 -17.71 11.05 18.75
C ASP A 232 -19.14 10.59 19.03
N ARG A 233 -19.63 9.59 18.29
CA ARG A 233 -21.00 9.05 18.48
C ARG A 233 -20.96 7.52 18.63
N PRO A 234 -20.37 7.05 19.72
CA PRO A 234 -20.18 5.62 19.94
C PRO A 234 -21.49 4.84 19.97
N THR A 235 -22.54 5.44 20.52
CA THR A 235 -23.83 4.77 20.63
C THR A 235 -24.37 4.48 19.23
N LEU A 236 -24.29 5.48 18.34
CA LEU A 236 -24.70 5.34 16.94
C LEU A 236 -23.83 4.37 16.20
N ALA A 237 -22.53 4.42 16.44
CA ALA A 237 -21.60 3.55 15.77
C ALA A 237 -21.90 2.08 16.12
N ILE A 238 -22.17 1.82 17.37
CA ILE A 238 -22.52 0.44 17.81
C ILE A 238 -23.75 -0.03 17.08
N ALA A 239 -24.77 0.82 17.02
CA ALA A 239 -26.05 0.50 16.33
C ALA A 239 -25.85 0.22 14.85
N LEU A 240 -25.12 1.10 14.18
CA LEU A 240 -24.84 0.91 12.75
C LEU A 240 -24.03 -0.35 12.50
N ARG A 241 -23.06 -0.66 13.39
CA ARG A 241 -22.25 -1.85 13.18
C ARG A 241 -23.11 -3.12 13.34
N THR A 242 -23.96 -3.15 14.36
CA THR A 242 -24.86 -4.29 14.57
C THR A 242 -25.74 -4.56 13.33
N GLU A 243 -26.31 -3.50 12.80
CA GLU A 243 -27.10 -3.53 11.58
C GLU A 243 -26.25 -4.00 10.38
N HIS A 244 -25.02 -3.50 10.28
CA HIS A 244 -24.08 -3.88 9.20
C HIS A 244 -23.77 -5.40 9.23
N ARG A 245 -23.55 -5.91 10.44
CA ARG A 245 -23.26 -7.30 10.68
C ARG A 245 -24.44 -8.19 10.24
N MSE A 246 -25.66 -7.78 10.59
N MSE A 246 -25.67 -7.77 10.53
CA MSE A 246 -26.88 -8.44 10.11
CA MSE A 246 -26.86 -8.53 10.12
C MSE A 246 -26.89 -8.53 8.60
C MSE A 246 -27.03 -8.53 8.59
O MSE A 246 -26.90 -9.62 8.04
O MSE A 246 -27.29 -9.58 8.00
CB MSE A 246 -28.14 -7.64 10.48
CB MSE A 246 -28.11 -8.01 10.82
CG MSE A 246 -28.92 -8.09 11.67
CG MSE A 246 -28.10 -8.31 12.32
SE MSE A 246 -30.81 -7.61 11.31
SE MSE A 246 -29.52 -7.45 13.37
CE MSE A 246 -30.61 -5.79 10.52
CE MSE A 246 -28.99 -8.03 15.20
N GLU A 247 -26.88 -7.36 7.95
CA GLU A 247 -26.91 -7.28 6.49
C GLU A 247 -25.81 -8.16 5.83
N ALA A 248 -24.64 -8.25 6.48
CA ALA A 248 -23.51 -9.04 5.95
C ALA A 248 -23.71 -10.56 6.04
N SER A 249 -24.46 -11.02 7.04
CA SER A 249 -24.77 -12.45 7.20
C SER A 249 -25.82 -12.92 6.19
N VAL A 250 -26.76 -12.02 5.85
CA VAL A 250 -27.82 -12.29 4.87
C VAL A 250 -27.26 -12.59 3.48
N GLY B 1 -14.59 -31.34 -7.02
CA GLY B 1 -13.33 -30.70 -7.48
C GLY B 1 -13.44 -29.19 -7.46
N MSE B 2 -12.42 -28.56 -8.03
CA MSE B 2 -12.32 -27.13 -8.09
C MSE B 2 -12.81 -26.64 -9.46
O MSE B 2 -12.31 -27.11 -10.48
CB MSE B 2 -10.84 -26.74 -7.86
CG MSE B 2 -10.42 -25.30 -8.05
SE MSE B 2 -11.29 -24.04 -6.86
CE MSE B 2 -11.09 -24.89 -5.48
N THR B 3 -13.78 -25.70 -9.45
CA THR B 3 -14.19 -24.91 -10.60
C THR B 3 -14.06 -23.45 -10.16
N ARG B 4 -13.24 -22.71 -10.87
CA ARG B 4 -12.99 -21.31 -10.55
C ARG B 4 -14.07 -20.39 -11.12
N ILE B 5 -14.27 -19.26 -10.45
CA ILE B 5 -15.27 -18.29 -10.83
C ILE B 5 -14.53 -17.02 -11.21
N ALA B 6 -14.84 -16.51 -12.39
CA ALA B 6 -14.33 -15.25 -12.91
C ALA B 6 -15.48 -14.25 -13.10
N SER B 7 -15.36 -13.13 -12.41
CA SER B 7 -16.33 -12.03 -12.48
C SER B 7 -16.23 -11.34 -13.84
N HIS B 8 -17.26 -11.51 -14.67
CA HIS B 8 -17.27 -10.97 -16.03
C HIS B 8 -17.44 -9.44 -16.03
N ARG B 9 -16.41 -8.74 -16.47
CA ARG B 9 -16.41 -7.28 -16.56
C ARG B 9 -16.64 -6.64 -15.21
N GLY B 10 -16.22 -7.34 -14.17
CA GLY B 10 -16.48 -6.92 -12.81
C GLY B 10 -17.85 -7.23 -12.24
N GLY B 11 -18.69 -7.94 -13.00
CA GLY B 11 -20.00 -8.32 -12.54
C GLY B 11 -21.12 -7.53 -13.19
N THR B 12 -21.22 -7.65 -14.52
CA THR B 12 -22.06 -6.76 -15.32
C THR B 12 -23.47 -6.58 -14.78
N LEU B 13 -24.13 -7.68 -14.46
CA LEU B 13 -25.54 -7.62 -14.07
C LEU B 13 -25.79 -7.25 -12.62
N GLU B 14 -24.71 -7.04 -11.86
CA GLU B 14 -24.83 -6.55 -10.48
C GLU B 14 -24.47 -5.05 -10.39
N PHE B 15 -23.40 -4.66 -11.09
CA PHE B 15 -22.77 -3.36 -10.92
C PHE B 15 -22.63 -2.51 -12.18
N GLY B 16 -23.17 -2.98 -13.31
CA GLY B 16 -22.93 -2.31 -14.56
C GLY B 16 -21.71 -2.89 -15.25
N ASP B 17 -21.51 -2.51 -16.51
CA ASP B 17 -20.44 -3.02 -17.34
C ASP B 17 -19.11 -2.30 -17.10
N SER B 18 -18.13 -3.05 -16.60
CA SER B 18 -16.76 -2.57 -16.41
C SER B 18 -16.68 -1.26 -15.59
N THR B 19 -17.40 -1.21 -14.47
CA THR B 19 -17.46 -0.04 -13.61
C THR B 19 -16.50 -0.11 -12.43
N PRO B 20 -16.01 1.06 -11.97
CA PRO B 20 -15.30 1.11 -10.70
C PRO B 20 -15.98 0.34 -9.56
N HIS B 21 -17.29 0.49 -9.42
CA HIS B 21 -18.05 -0.24 -8.39
C HIS B 21 -17.85 -1.73 -8.53
N GLY B 22 -18.06 -2.26 -9.73
CA GLY B 22 -17.95 -3.71 -9.96
C GLY B 22 -16.59 -4.28 -9.71
N PHE B 23 -15.58 -3.62 -10.23
CA PHE B 23 -14.19 -4.04 -10.07
C PHE B 23 -13.73 -3.93 -8.61
N THR B 24 -14.22 -2.92 -7.89
CA THR B 24 -13.94 -2.78 -6.47
C THR B 24 -14.62 -3.86 -5.65
N ALA B 25 -15.93 -4.07 -5.87
CA ALA B 25 -16.71 -5.10 -5.23
C ALA B 25 -16.11 -6.49 -5.48
N THR B 26 -15.81 -6.78 -6.76
CA THR B 26 -15.19 -8.03 -7.12
C THR B 26 -13.84 -8.30 -6.39
N ALA B 27 -13.01 -7.28 -6.24
CA ALA B 27 -11.72 -7.43 -5.59
C ALA B 27 -11.84 -7.96 -4.17
N ALA B 28 -12.99 -7.70 -3.52
CA ALA B 28 -13.26 -8.10 -2.16
C ALA B 28 -14.02 -9.41 -2.06
N MSE B 29 -14.40 -10.03 -3.19
CA MSE B 29 -15.15 -11.28 -3.14
C MSE B 29 -14.30 -12.56 -3.06
O MSE B 29 -13.12 -12.57 -3.45
CB MSE B 29 -16.06 -11.41 -4.37
CG MSE B 29 -17.15 -10.41 -4.39
SE MSE B 29 -18.29 -10.74 -5.95
CE MSE B 29 -18.94 -8.99 -5.99
N ALA B 30 -14.94 -13.63 -2.56
CA ALA B 30 -14.30 -14.93 -2.40
C ALA B 30 -14.43 -15.74 -3.72
N LEU B 31 -13.82 -15.20 -4.75
CA LEU B 31 -13.72 -15.81 -6.07
C LEU B 31 -12.29 -15.63 -6.55
N GLU B 32 -11.97 -16.21 -7.72
CA GLU B 32 -10.56 -16.39 -8.11
C GLU B 32 -10.05 -15.45 -9.15
N GLU B 33 -10.94 -14.94 -9.98
CA GLU B 33 -10.56 -14.07 -11.07
C GLU B 33 -11.58 -12.97 -11.39
N VAL B 34 -11.12 -11.94 -12.09
CA VAL B 34 -11.97 -10.88 -12.64
C VAL B 34 -11.55 -10.82 -14.10
N GLU B 35 -12.53 -10.79 -14.98
CA GLU B 35 -12.32 -10.75 -16.43
C GLU B 35 -12.63 -9.33 -16.94
N PHE B 36 -11.82 -8.89 -17.89
CA PHE B 36 -12.00 -7.59 -18.45
C PHE B 36 -11.30 -7.56 -19.81
N ASP B 37 -11.72 -6.58 -20.61
CA ASP B 37 -11.20 -6.33 -21.96
C ASP B 37 -10.57 -4.93 -21.99
N LEU B 38 -9.62 -4.77 -22.89
CA LEU B 38 -8.81 -3.56 -22.98
C LEU B 38 -8.73 -3.02 -24.40
N HIS B 39 -8.64 -1.70 -24.51
CA HIS B 39 -8.48 -1.04 -25.81
C HIS B 39 -7.54 0.15 -25.65
N PRO B 40 -6.76 0.46 -26.68
CA PRO B 40 -5.88 1.63 -26.67
C PRO B 40 -6.63 2.88 -27.12
N THR B 41 -6.19 4.03 -26.59
CA THR B 41 -6.67 5.34 -27.03
C THR B 41 -5.70 5.89 -28.10
N ALA B 42 -6.15 6.92 -28.80
CA ALA B 42 -5.38 7.55 -29.87
C ALA B 42 -4.01 8.03 -29.40
N ASP B 43 -3.94 8.46 -28.13
CA ASP B 43 -2.73 8.99 -27.49
C ASP B 43 -1.99 8.00 -26.56
N GLY B 44 -2.17 6.70 -26.80
CA GLY B 44 -1.40 5.67 -26.10
C GLY B 44 -1.76 5.25 -24.69
N ALA B 45 -2.96 5.58 -24.21
CA ALA B 45 -3.46 5.08 -22.94
C ALA B 45 -4.12 3.69 -23.14
N ILE B 46 -4.45 3.01 -22.03
CA ILE B 46 -5.10 1.68 -22.10
C ILE B 46 -6.34 1.78 -21.27
N VAL B 47 -7.49 1.59 -21.92
CA VAL B 47 -8.77 1.75 -21.28
C VAL B 47 -9.47 0.39 -21.09
N VAL B 48 -10.14 0.25 -19.96
CA VAL B 48 -10.91 -0.95 -19.64
C VAL B 48 -12.34 -0.79 -20.17
N HIS B 49 -12.67 -1.52 -21.23
CA HIS B 49 -13.97 -1.40 -21.87
C HIS B 49 -14.22 -2.64 -22.73
N HIS B 50 -15.46 -3.10 -22.80
CA HIS B 50 -15.78 -4.26 -23.61
C HIS B 50 -15.72 -3.96 -25.13
N ASP B 51 -16.66 -3.17 -25.61
CA ASP B 51 -16.70 -2.86 -27.05
C ASP B 51 -15.55 -1.96 -27.43
N PRO B 52 -15.13 -1.98 -28.72
CA PRO B 52 -14.13 -1.03 -29.20
C PRO B 52 -14.71 0.40 -29.38
N THR B 53 -16.02 0.55 -29.17
CA THR B 53 -16.69 1.84 -29.19
C THR B 53 -17.37 2.07 -27.86
N LEU B 54 -17.63 3.34 -27.52
CA LEU B 54 -18.29 3.71 -26.28
C LEU B 54 -19.83 3.70 -26.33
N ASP B 55 -20.40 3.47 -27.51
CA ASP B 55 -21.86 3.66 -27.72
C ASP B 55 -22.77 2.86 -26.81
N ALA B 56 -22.51 1.56 -26.69
CA ALA B 56 -23.46 0.70 -25.98
C ALA B 56 -23.55 0.94 -24.49
N THR B 57 -22.45 1.23 -23.82
CA THR B 57 -22.49 1.30 -22.37
C THR B 57 -22.26 2.70 -21.77
N THR B 58 -22.11 3.71 -22.63
CA THR B 58 -21.92 5.08 -22.14
C THR B 58 -22.87 6.05 -22.83
N ASP B 59 -22.79 7.32 -22.42
CA ASP B 59 -23.51 8.41 -23.09
C ASP B 59 -22.82 8.97 -24.34
N MSE B 60 -21.64 8.45 -24.70
N MSE B 60 -21.70 8.38 -24.75
CA MSE B 60 -20.88 8.92 -25.86
CA MSE B 60 -20.95 8.89 -25.89
C MSE B 60 -20.89 7.91 -26.98
C MSE B 60 -20.83 7.85 -26.97
O MSE B 60 -21.41 6.81 -26.82
O MSE B 60 -21.17 6.70 -26.78
CB MSE B 60 -19.41 9.18 -25.48
CB MSE B 60 -19.58 9.33 -25.41
CG MSE B 60 -19.22 10.17 -24.36
CG MSE B 60 -19.66 10.14 -24.14
SE MSE B 60 -19.80 11.99 -24.77
SE MSE B 60 -18.31 11.50 -23.99
CE MSE B 60 -19.44 12.76 -23.08
CE MSE B 60 -18.86 12.44 -25.56
N THR B 61 -20.30 8.28 -28.11
CA THR B 61 -20.15 7.40 -29.25
C THR B 61 -18.76 7.57 -29.79
N GLY B 62 -18.35 6.61 -30.59
CA GLY B 62 -17.06 6.60 -31.26
C GLY B 62 -16.14 5.48 -30.83
N ALA B 63 -15.14 5.23 -31.68
CA ALA B 63 -14.12 4.21 -31.49
C ALA B 63 -13.05 4.71 -30.54
N ILE B 64 -12.84 3.98 -29.45
CA ILE B 64 -11.90 4.39 -28.40
C ILE B 64 -10.52 4.75 -29.00
N VAL B 65 -10.04 3.93 -29.93
CA VAL B 65 -8.72 4.12 -30.56
C VAL B 65 -8.59 5.46 -31.31
N ASP B 66 -9.71 6.05 -31.72
CA ASP B 66 -9.69 7.36 -32.41
C ASP B 66 -9.79 8.52 -31.42
N MSE B 67 -10.05 8.24 -30.16
CA MSE B 67 -10.22 9.27 -29.14
C MSE B 67 -8.99 9.41 -28.26
O MSE B 67 -8.16 8.51 -28.16
CB MSE B 67 -11.38 8.91 -28.23
CG MSE B 67 -12.67 8.67 -28.95
SE MSE B 67 -14.08 8.12 -27.71
CE MSE B 67 -15.31 7.86 -28.91
N THR B 68 -8.91 10.55 -27.58
CA THR B 68 -7.91 10.76 -26.55
C THR B 68 -8.42 10.20 -25.25
N LEU B 69 -7.51 9.84 -24.33
CA LEU B 69 -7.94 9.45 -23.00
C LEU B 69 -8.85 10.49 -22.35
N ALA B 70 -8.52 11.77 -22.54
CA ALA B 70 -9.33 12.85 -21.95
C ALA B 70 -10.78 12.80 -22.48
N LYS B 71 -10.93 12.50 -23.76
CA LYS B 71 -12.24 12.36 -24.38
C LYS B 71 -12.99 11.17 -23.78
N VAL B 72 -12.33 10.03 -23.75
CA VAL B 72 -12.92 8.81 -23.16
C VAL B 72 -13.40 9.08 -21.73
N LYS B 73 -12.58 9.81 -20.97
CA LYS B 73 -12.90 10.14 -19.58
C LYS B 73 -14.09 11.10 -19.36
N THR B 74 -14.51 11.78 -20.41
CA THR B 74 -15.73 12.59 -20.33
C THR B 74 -16.98 11.72 -20.39
N ALA B 75 -16.86 10.49 -20.90
CA ALA B 75 -17.99 9.51 -20.96
C ALA B 75 -18.45 9.03 -19.55
N THR B 76 -19.75 8.80 -19.40
CA THR B 76 -20.32 8.33 -18.14
C THR B 76 -20.93 6.97 -18.42
N ILE B 77 -20.60 5.97 -17.59
CA ILE B 77 -21.03 4.58 -17.85
C ILE B 77 -22.45 4.40 -17.40
N ARG B 78 -23.29 3.85 -18.27
N ARG B 78 -23.28 3.81 -18.26
CA ARG B 78 -24.68 3.56 -17.96
CA ARG B 78 -24.67 3.54 -17.93
C ARG B 78 -24.76 2.63 -16.77
C ARG B 78 -24.75 2.62 -16.74
N TYR B 79 -25.63 2.96 -15.81
CA TYR B 79 -25.79 2.21 -14.57
C TYR B 79 -24.55 2.34 -13.63
N GLY B 80 -23.65 3.28 -13.92
CA GLY B 80 -22.39 3.45 -13.19
C GLY B 80 -22.35 4.59 -12.19
N ALA B 81 -23.54 5.11 -11.86
CA ALA B 81 -23.72 6.21 -10.92
C ALA B 81 -22.70 7.30 -11.08
N GLY B 82 -22.47 7.73 -12.33
CA GLY B 82 -21.54 8.82 -12.61
C GLY B 82 -20.09 8.46 -12.90
N SER B 83 -19.74 7.19 -12.75
N SER B 83 -19.73 7.18 -12.74
CA SER B 83 -18.38 6.73 -13.01
CA SER B 83 -18.37 6.75 -12.99
C SER B 83 -18.00 6.84 -14.48
C SER B 83 -18.00 6.84 -14.47
N HIS B 84 -16.70 6.99 -14.73
CA HIS B 84 -16.16 7.08 -16.07
C HIS B 84 -15.37 5.81 -16.34
N PRO B 85 -15.08 5.51 -17.62
CA PRO B 85 -14.20 4.40 -17.97
C PRO B 85 -12.83 4.47 -17.26
N MSE B 86 -12.30 3.32 -16.88
CA MSE B 86 -11.01 3.25 -16.18
C MSE B 86 -9.84 3.02 -17.11
O MSE B 86 -10.02 2.52 -18.20
CB MSE B 86 -11.00 2.05 -15.20
CG MSE B 86 -12.22 1.89 -14.32
SE MSE B 86 -12.00 0.54 -12.87
CE MSE B 86 -10.95 1.60 -11.55
N THR B 87 -8.64 3.42 -16.67
CA THR B 87 -7.41 3.03 -17.31
C THR B 87 -6.99 1.73 -16.65
N LEU B 88 -6.05 1.05 -17.27
CA LEU B 88 -5.50 -0.20 -16.72
C LEU B 88 -4.87 0.07 -15.36
N GLU B 89 -4.17 1.20 -15.24
CA GLU B 89 -3.54 1.56 -13.98
C GLU B 89 -4.54 1.68 -12.86
N GLU B 90 -5.67 2.36 -13.11
CA GLU B 90 -6.71 2.57 -12.13
C GLU B 90 -7.28 1.22 -11.70
N LEU B 91 -7.45 0.32 -12.66
CA LEU B 91 -7.97 -1.02 -12.35
C LEU B 91 -6.98 -1.74 -11.45
N CYS B 92 -5.71 -1.68 -11.80
CA CYS B 92 -4.64 -2.36 -11.05
C CYS B 92 -4.59 -1.92 -9.61
N ALA B 93 -4.81 -0.62 -9.38
CA ALA B 93 -4.79 -0.04 -8.04
C ALA B 93 -5.78 -0.68 -7.08
N LEU B 94 -6.88 -1.21 -7.63
CA LEU B 94 -7.91 -1.80 -6.80
C LEU B 94 -7.56 -3.21 -6.37
N TYR B 95 -6.60 -3.85 -7.03
CA TYR B 95 -6.24 -5.27 -6.79
C TYR B 95 -4.92 -5.50 -6.05
N VAL B 96 -4.20 -4.44 -5.69
CA VAL B 96 -2.88 -4.57 -5.05
C VAL B 96 -2.84 -5.41 -3.75
N ASP B 97 -3.94 -5.47 -3.02
N ASP B 97 -3.92 -5.49 -2.98
CA ASP B 97 -4.01 -6.26 -1.81
CA ASP B 97 -3.94 -6.37 -1.82
C ASP B 97 -4.94 -7.47 -1.96
C ASP B 97 -5.15 -7.30 -1.95
N SER B 98 -5.48 -7.69 -3.17
CA SER B 98 -6.52 -8.71 -3.40
C SER B 98 -5.93 -9.99 -3.96
N HIS B 99 -6.44 -11.12 -3.51
CA HIS B 99 -6.03 -12.41 -4.04
C HIS B 99 -6.70 -12.78 -5.40
N VAL B 100 -7.61 -11.92 -5.88
CA VAL B 100 -8.32 -12.15 -7.13
C VAL B 100 -7.37 -11.87 -8.30
N ASN B 101 -7.25 -12.85 -9.19
CA ASN B 101 -6.37 -12.77 -10.34
C ASN B 101 -7.08 -12.14 -11.54
N PHE B 102 -6.31 -11.89 -12.58
CA PHE B 102 -6.75 -11.23 -13.82
C PHE B 102 -6.91 -12.23 -14.97
N ARG B 103 -8.00 -12.07 -15.71
CA ARG B 103 -8.28 -12.71 -16.98
C ARG B 103 -8.53 -11.56 -17.97
N CYS B 104 -7.49 -11.29 -18.74
CA CYS B 104 -7.42 -10.14 -19.61
C CYS B 104 -7.64 -10.55 -21.04
N GLU B 105 -8.70 -10.04 -21.65
CA GLU B 105 -9.06 -10.38 -23.03
C GLU B 105 -8.53 -9.37 -24.02
N ILE B 106 -7.88 -9.89 -25.06
CA ILE B 106 -7.36 -9.12 -26.19
C ILE B 106 -8.40 -9.15 -27.32
N LYS B 107 -9.06 -8.00 -27.49
CA LYS B 107 -10.17 -7.80 -28.44
C LYS B 107 -9.67 -6.92 -29.59
N PRO B 108 -10.17 -7.14 -30.83
CA PRO B 108 -9.79 -6.31 -31.97
C PRO B 108 -10.56 -4.99 -32.00
N GLY B 109 -10.25 -4.17 -33.02
CA GLY B 109 -10.91 -2.89 -33.21
C GLY B 109 -12.23 -3.06 -33.96
N VAL B 110 -12.87 -1.93 -34.23
CA VAL B 110 -14.14 -1.89 -34.97
C VAL B 110 -14.12 -2.73 -36.25
N ASP B 111 -13.01 -2.68 -36.98
CA ASP B 111 -12.86 -3.45 -38.22
C ASP B 111 -12.55 -4.93 -37.99
N GLY B 112 -12.54 -5.37 -36.73
CA GLY B 112 -12.29 -6.76 -36.42
C GLY B 112 -10.85 -7.22 -36.53
N LEU B 113 -9.93 -6.29 -36.71
CA LEU B 113 -8.54 -6.65 -36.82
C LEU B 113 -7.87 -6.30 -35.51
N PRO B 114 -6.86 -7.08 -35.12
CA PRO B 114 -6.15 -6.72 -33.89
C PRO B 114 -5.47 -5.36 -33.95
N TYR B 115 -5.37 -4.67 -32.81
CA TYR B 115 -4.66 -3.41 -32.71
C TYR B 115 -3.15 -3.71 -32.79
N GLU B 116 -2.47 -3.09 -33.75
CA GLU B 116 -1.05 -3.33 -33.95
C GLU B 116 -0.23 -2.84 -32.77
N GLY B 117 0.67 -3.69 -32.29
CA GLY B 117 1.54 -3.37 -31.16
C GLY B 117 0.89 -3.35 -29.79
N PHE B 118 -0.41 -3.67 -29.70
CA PHE B 118 -1.13 -3.51 -28.44
C PHE B 118 -0.80 -4.59 -27.42
N VAL B 119 -0.58 -5.82 -27.85
CA VAL B 119 -0.21 -6.91 -26.95
C VAL B 119 1.05 -6.55 -26.12
N ALA B 120 2.06 -6.00 -26.79
CA ALA B 120 3.28 -5.56 -26.12
C ALA B 120 2.99 -4.48 -25.11
N LEU B 121 2.13 -3.53 -25.46
CA LEU B 121 1.80 -2.42 -24.56
C LEU B 121 1.03 -2.89 -23.33
N VAL B 122 0.13 -3.84 -23.52
CA VAL B 122 -0.66 -4.38 -22.39
C VAL B 122 0.29 -5.12 -21.40
N ILE B 123 1.16 -5.94 -21.93
CA ILE B 123 2.11 -6.71 -21.12
C ILE B 123 3.03 -5.77 -20.34
N ALA B 124 3.53 -4.75 -21.05
CA ALA B 124 4.35 -3.71 -20.43
C ALA B 124 3.61 -2.98 -19.31
N GLY B 125 2.32 -2.67 -19.51
CA GLY B 125 1.51 -2.00 -18.50
C GLY B 125 1.27 -2.85 -17.27
N LEU B 126 0.88 -4.09 -17.48
CA LEU B 126 0.68 -5.02 -16.38
C LEU B 126 1.97 -5.17 -15.58
N GLU B 127 3.09 -5.27 -16.27
CA GLU B 127 4.38 -5.40 -15.61
C GLU B 127 4.65 -4.16 -14.75
N ARG B 128 4.42 -2.98 -15.34
N ARG B 128 4.40 -2.97 -15.31
CA ARG B 128 4.62 -1.70 -14.66
CA ARG B 128 4.66 -1.72 -14.57
C ARG B 128 3.87 -1.60 -13.33
C ARG B 128 3.91 -1.70 -13.26
N HIS B 129 2.66 -2.18 -13.28
CA HIS B 129 1.83 -2.18 -12.07
C HIS B 129 1.90 -3.50 -11.27
N SER B 130 2.89 -4.35 -11.57
CA SER B 130 3.15 -5.56 -10.83
C SER B 130 1.95 -6.51 -10.85
N MSE B 131 1.27 -6.58 -12.01
CA MSE B 131 0.09 -7.46 -12.16
C MSE B 131 0.26 -8.52 -13.20
O MSE B 131 -0.66 -9.31 -13.38
CB MSE B 131 -1.18 -6.66 -12.51
CG MSE B 131 -1.62 -5.73 -11.48
SE MSE B 131 -2.31 -6.69 -9.94
CE MSE B 131 -1.26 -5.88 -8.91
N LEU B 132 1.37 -8.56 -13.92
CA LEU B 132 1.55 -9.54 -14.97
C LEU B 132 1.49 -10.97 -14.39
N GLU B 133 2.07 -11.15 -13.21
CA GLU B 133 2.17 -12.49 -12.66
C GLU B 133 0.87 -13.09 -12.16
N ARG B 134 -0.19 -12.28 -12.07
N ARG B 134 -0.18 -12.27 -12.07
CA ARG B 134 -1.51 -12.80 -11.71
CA ARG B 134 -1.52 -12.71 -11.71
C ARG B 134 -2.43 -12.85 -12.92
C ARG B 134 -2.45 -12.73 -12.92
N THR B 135 -1.89 -12.66 -14.12
CA THR B 135 -2.72 -12.56 -15.33
C THR B 135 -2.67 -13.77 -16.26
N THR B 136 -3.87 -14.17 -16.70
CA THR B 136 -4.10 -15.16 -17.76
C THR B 136 -4.69 -14.38 -18.92
N PHE B 137 -4.21 -14.58 -20.14
CA PHE B 137 -4.72 -13.85 -21.30
C PHE B 137 -5.67 -14.67 -22.16
N SER B 138 -6.71 -14.02 -22.66
CA SER B 138 -7.70 -14.74 -23.49
C SER B 138 -7.90 -13.99 -24.79
N SER B 139 -8.40 -14.67 -25.81
CA SER B 139 -8.81 -14.02 -27.07
C SER B 139 -9.63 -14.96 -27.90
N PHE B 140 -10.52 -14.39 -28.72
CA PHE B 140 -11.23 -15.18 -29.74
C PHE B 140 -10.33 -15.33 -30.97
N LEU B 141 -9.31 -14.45 -31.11
CA LEU B 141 -8.50 -14.44 -32.33
C LEU B 141 -7.19 -15.20 -32.23
N LEU B 142 -7.01 -16.16 -33.15
CA LEU B 142 -5.76 -16.91 -33.23
C LEU B 142 -4.59 -15.98 -33.51
N ALA B 143 -4.80 -14.91 -34.26
CA ALA B 143 -3.70 -13.94 -34.46
C ALA B 143 -3.20 -13.39 -33.13
N SER B 144 -4.14 -13.08 -32.23
CA SER B 144 -3.78 -12.54 -30.92
C SER B 144 -3.16 -13.59 -30.02
N MSE B 145 -3.66 -14.83 -30.13
N MSE B 145 -3.70 -14.82 -30.08
CA MSE B 145 -3.09 -15.94 -29.37
CA MSE B 145 -3.10 -15.93 -29.35
C MSE B 145 -1.63 -16.16 -29.74
C MSE B 145 -1.62 -16.03 -29.74
O MSE B 145 -0.78 -16.39 -28.88
O MSE B 145 -0.74 -16.03 -28.86
CB MSE B 145 -3.88 -17.23 -29.62
CB MSE B 145 -3.82 -17.25 -29.66
CG MSE B 145 -5.38 -17.19 -29.22
CG MSE B 145 -5.17 -17.47 -28.97
SE MSE B 145 -5.66 -16.90 -27.32
SE MSE B 145 -4.98 -17.90 -27.06
CE MSE B 145 -5.12 -15.16 -27.10
CE MSE B 145 -5.16 -16.06 -26.29
N ASP B 146 -1.34 -16.08 -31.04
CA ASP B 146 0.03 -16.25 -31.53
C ASP B 146 0.92 -15.10 -31.10
N GLU B 147 0.42 -13.88 -31.15
CA GLU B 147 1.18 -12.73 -30.65
C GLU B 147 1.49 -12.88 -29.17
N LEU B 148 0.52 -13.35 -28.41
CA LEU B 148 0.72 -13.58 -26.97
C LEU B 148 1.78 -14.64 -26.71
N TRP B 149 1.78 -15.68 -27.54
CA TRP B 149 2.74 -16.78 -27.45
C TRP B 149 4.17 -16.28 -27.61
N LYS B 150 4.38 -15.28 -28.46
CA LYS B 150 5.71 -14.69 -28.62
C LYS B 150 6.07 -13.72 -27.51
N ALA B 151 5.06 -13.06 -26.94
CA ALA B 151 5.26 -11.93 -26.04
C ALA B 151 5.24 -12.23 -24.54
N THR B 152 4.70 -13.37 -24.11
CA THR B 152 4.60 -13.66 -22.67
C THR B 152 4.58 -15.17 -22.44
N THR B 153 4.99 -15.56 -21.23
CA THR B 153 5.00 -16.94 -20.77
C THR B 153 3.77 -17.12 -19.86
N ARG B 154 2.94 -16.10 -19.71
CA ARG B 154 1.72 -16.23 -18.91
C ARG B 154 0.74 -17.19 -19.61
N PRO B 155 -0.17 -17.82 -18.84
CA PRO B 155 -1.15 -18.68 -19.45
C PRO B 155 -2.05 -17.97 -20.45
N ARG B 156 -2.41 -18.70 -21.52
N ARG B 156 -2.46 -18.72 -21.47
CA ARG B 156 -3.29 -18.23 -22.59
CA ARG B 156 -3.33 -18.22 -22.52
C ARG B 156 -4.49 -19.16 -22.69
C ARG B 156 -4.48 -19.16 -22.72
N LEU B 157 -5.64 -18.62 -23.07
CA LEU B 157 -6.79 -19.44 -23.37
C LEU B 157 -7.52 -18.93 -24.59
N TRP B 158 -7.89 -19.87 -25.44
CA TRP B 158 -8.57 -19.51 -26.68
C TRP B 158 -10.05 -19.62 -26.52
N LEU B 159 -10.73 -18.50 -26.75
CA LEU B 159 -12.19 -18.44 -26.70
C LEU B 159 -12.70 -18.92 -28.04
N VAL B 160 -13.44 -20.02 -28.02
CA VAL B 160 -13.99 -20.64 -29.21
C VAL B 160 -15.49 -20.36 -29.29
N SER B 161 -15.87 -19.53 -30.27
CA SER B 161 -17.27 -19.15 -30.44
C SER B 161 -18.16 -20.32 -30.87
N PRO B 162 -19.46 -20.26 -30.56
CA PRO B 162 -20.41 -21.27 -31.03
C PRO B 162 -20.27 -21.54 -32.54
N SER B 163 -20.11 -20.48 -33.34
CA SER B 163 -19.93 -20.64 -34.82
C SER B 163 -18.75 -21.48 -35.21
N VAL B 164 -17.57 -21.12 -34.68
CA VAL B 164 -16.36 -21.86 -34.94
C VAL B 164 -16.49 -23.30 -34.48
N LEU B 165 -17.03 -23.49 -33.28
CA LEU B 165 -17.11 -24.81 -32.72
C LEU B 165 -18.02 -25.70 -33.58
N GLN B 166 -19.15 -25.13 -33.97
CA GLN B 166 -20.12 -25.87 -34.75
C GLN B 166 -19.62 -26.13 -36.17
N GLN B 167 -19.02 -25.12 -36.80
CA GLN B 167 -18.56 -25.26 -38.18
C GLN B 167 -17.27 -26.08 -38.35
N LEU B 168 -16.24 -25.83 -37.56
CA LEU B 168 -15.06 -26.68 -37.58
C LEU B 168 -15.31 -28.07 -36.99
N GLY B 169 -16.11 -28.13 -35.94
CA GLY B 169 -16.28 -29.36 -35.19
C GLY B 169 -15.18 -29.45 -34.14
N PRO B 170 -15.40 -30.22 -33.05
CA PRO B 170 -14.45 -30.27 -31.98
C PRO B 170 -13.10 -30.83 -32.36
N GLY B 171 -13.09 -31.83 -33.23
CA GLY B 171 -11.80 -32.41 -33.65
C GLY B 171 -10.88 -31.38 -34.26
N ALA B 172 -11.45 -30.57 -35.15
CA ALA B 172 -10.65 -29.56 -35.84
C ALA B 172 -10.27 -28.40 -34.90
N VAL B 173 -11.17 -28.01 -34.00
CA VAL B 173 -10.85 -27.00 -32.96
C VAL B 173 -9.63 -27.44 -32.16
N ILE B 174 -9.65 -28.71 -31.73
CA ILE B 174 -8.58 -29.28 -30.92
C ILE B 174 -7.26 -29.31 -31.67
N GLU B 175 -7.30 -29.77 -32.93
CA GLU B 175 -6.11 -29.82 -33.77
C GLU B 175 -5.49 -28.48 -34.00
N THR B 176 -6.34 -27.49 -34.25
CA THR B 176 -5.90 -26.12 -34.47
C THR B 176 -5.26 -25.58 -33.21
N ALA B 177 -5.90 -25.80 -32.06
CA ALA B 177 -5.33 -25.33 -30.79
C ALA B 177 -3.91 -25.88 -30.56
N ILE B 178 -3.78 -27.19 -30.70
CA ILE B 178 -2.52 -27.88 -30.54
C ILE B 178 -1.47 -27.30 -31.49
N ALA B 179 -1.83 -27.08 -32.75
CA ALA B 179 -0.86 -26.51 -33.73
C ALA B 179 -0.40 -25.11 -33.38
N HIS B 180 -1.21 -24.39 -32.60
CA HIS B 180 -0.92 -23.02 -32.14
C HIS B 180 -0.40 -22.96 -30.68
N SER B 181 0.03 -24.11 -30.16
CA SER B 181 0.58 -24.23 -28.81
C SER B 181 -0.36 -23.68 -27.74
N ILE B 182 -1.65 -23.94 -27.92
CA ILE B 182 -2.74 -23.49 -27.02
C ILE B 182 -3.06 -24.64 -26.11
N HIS B 183 -3.08 -24.37 -24.80
CA HIS B 183 -3.26 -25.42 -23.79
C HIS B 183 -4.59 -25.40 -23.06
N GLU B 184 -5.40 -24.42 -23.42
CA GLU B 184 -6.75 -24.23 -22.85
C GLU B 184 -7.71 -23.61 -23.86
N ILE B 185 -8.96 -24.14 -23.92
CA ILE B 185 -10.00 -23.45 -24.67
C ILE B 185 -11.14 -23.08 -23.71
N GLY B 186 -11.88 -22.05 -24.06
CA GLY B 186 -13.12 -21.69 -23.34
C GLY B 186 -14.26 -21.66 -24.35
N VAL B 187 -15.37 -22.33 -24.05
CA VAL B 187 -16.55 -22.34 -24.90
C VAL B 187 -17.76 -21.72 -24.18
N HIS B 188 -18.72 -21.24 -24.96
CA HIS B 188 -19.97 -20.78 -24.37
C HIS B 188 -20.58 -21.93 -23.58
N ILE B 189 -21.06 -21.64 -22.36
CA ILE B 189 -21.68 -22.65 -21.50
C ILE B 189 -22.79 -23.44 -22.20
N ASP B 190 -23.54 -22.76 -23.07
CA ASP B 190 -24.63 -23.41 -23.78
C ASP B 190 -24.15 -24.38 -24.83
N THR B 191 -22.86 -24.35 -25.18
CA THR B 191 -22.28 -25.34 -26.09
C THR B 191 -21.45 -26.42 -25.39
N ALA B 192 -21.36 -26.37 -24.06
CA ALA B 192 -20.55 -27.33 -23.32
C ALA B 192 -21.37 -28.56 -22.95
N ASP B 193 -20.72 -29.71 -22.95
CA ASP B 193 -21.30 -30.93 -22.40
C ASP B 193 -20.20 -31.86 -21.99
N ALA B 194 -20.56 -32.95 -21.32
CA ALA B 194 -19.59 -33.87 -20.81
C ALA B 194 -18.77 -34.46 -21.91
N GLY B 195 -19.39 -34.82 -23.03
CA GLY B 195 -18.61 -35.42 -24.12
C GLY B 195 -17.54 -34.51 -24.69
N LEU B 196 -17.91 -33.24 -24.91
CA LEU B 196 -16.96 -32.21 -25.44
C LEU B 196 -15.81 -32.03 -24.49
N MSE B 197 -16.14 -31.85 -23.21
CA MSE B 197 -15.09 -31.71 -22.20
C MSE B 197 -14.13 -32.90 -22.20
O MSE B 197 -12.93 -32.72 -22.12
CB MSE B 197 -15.74 -31.48 -20.82
CG MSE B 197 -14.74 -31.24 -19.74
SE MSE B 197 -15.62 -30.86 -18.05
CE MSE B 197 -14.06 -31.24 -17.09
N ALA B 198 -14.65 -34.12 -22.26
CA ALA B 198 -13.82 -35.31 -22.25
C ALA B 198 -12.89 -35.36 -23.46
N GLN B 199 -13.45 -35.00 -24.61
CA GLN B 199 -12.68 -34.98 -25.84
C GLN B 199 -11.53 -33.96 -25.75
N VAL B 200 -11.84 -32.75 -25.29
CA VAL B 200 -10.85 -31.72 -25.12
C VAL B 200 -9.75 -32.15 -24.12
N GLN B 201 -10.16 -32.68 -22.96
CA GLN B 201 -9.19 -33.10 -21.97
C GLN B 201 -8.36 -34.29 -22.44
N ALA B 202 -8.96 -35.19 -23.21
CA ALA B 202 -8.20 -36.35 -23.74
C ALA B 202 -7.01 -35.92 -24.57
N ALA B 203 -7.14 -34.76 -25.25
CA ALA B 203 -6.06 -34.20 -26.07
C ALA B 203 -5.06 -33.41 -25.26
N GLY B 204 -5.27 -33.33 -23.95
CA GLY B 204 -4.32 -32.69 -23.05
C GLY B 204 -4.60 -31.21 -22.81
N LEU B 205 -5.77 -30.75 -23.24
CA LEU B 205 -6.17 -29.36 -23.09
C LEU B 205 -7.07 -29.13 -21.86
N ASP B 206 -6.92 -27.99 -21.22
CA ASP B 206 -7.84 -27.55 -20.17
C ASP B 206 -9.16 -27.04 -20.83
N PHE B 207 -10.27 -27.16 -20.09
CA PHE B 207 -11.61 -26.88 -20.63
C PHE B 207 -12.41 -26.02 -19.67
N GLY B 208 -12.79 -24.85 -20.13
CA GLY B 208 -13.59 -23.91 -19.34
C GLY B 208 -14.70 -23.31 -20.16
N CYS B 209 -15.53 -22.49 -19.52
CA CYS B 209 -16.68 -21.89 -20.15
C CYS B 209 -16.82 -20.39 -19.92
N TRP B 210 -17.73 -19.77 -20.63
CA TRP B 210 -18.03 -18.36 -20.54
C TRP B 210 -19.54 -18.16 -20.77
N ALA B 211 -20.02 -16.99 -20.39
CA ALA B 211 -21.40 -16.59 -20.50
C ALA B 211 -22.32 -17.34 -19.56
N ALA B 212 -21.84 -17.78 -18.37
CA ALA B 212 -22.68 -18.55 -17.40
C ALA B 212 -23.32 -17.55 -16.46
N HIS B 213 -24.45 -16.97 -16.88
CA HIS B 213 -25.06 -15.84 -16.19
C HIS B 213 -26.30 -16.19 -15.37
N THR B 214 -26.94 -17.32 -15.67
CA THR B 214 -28.17 -17.73 -14.97
C THR B 214 -27.86 -18.84 -13.96
N PRO B 215 -28.75 -19.04 -12.97
CA PRO B 215 -28.55 -20.16 -12.07
C PRO B 215 -28.38 -21.50 -12.77
N SER B 216 -29.16 -21.78 -13.83
N SER B 216 -29.18 -21.76 -13.81
CA SER B 216 -29.05 -23.05 -14.51
CA SER B 216 -29.10 -23.03 -14.55
C SER B 216 -27.69 -23.22 -15.16
C SER B 216 -27.74 -23.22 -15.19
N GLN B 217 -27.23 -22.16 -15.81
CA GLN B 217 -25.92 -22.15 -16.48
C GLN B 217 -24.75 -22.32 -15.51
N ILE B 218 -24.80 -21.64 -14.38
CA ILE B 218 -23.75 -21.74 -13.34
C ILE B 218 -23.77 -23.14 -12.76
N THR B 219 -24.95 -23.66 -12.47
CA THR B 219 -25.08 -25.03 -11.98
C THR B 219 -24.50 -26.04 -12.94
N LYS B 220 -24.77 -25.84 -14.23
CA LYS B 220 -24.23 -26.70 -15.26
C LYS B 220 -22.70 -26.71 -15.25
N ALA B 221 -22.13 -25.52 -15.21
CA ALA B 221 -20.67 -25.40 -15.17
C ALA B 221 -20.09 -26.13 -13.95
N LEU B 222 -20.72 -25.98 -12.80
CA LEU B 222 -20.27 -26.66 -11.59
C LEU B 222 -20.43 -28.19 -11.67
N ASP B 223 -21.58 -28.62 -12.16
CA ASP B 223 -21.86 -30.05 -12.37
C ASP B 223 -20.86 -30.71 -13.32
N LEU B 224 -20.51 -30.03 -14.41
CA LEU B 224 -19.52 -30.56 -15.35
C LEU B 224 -18.10 -30.58 -14.79
N GLY B 225 -17.85 -29.76 -13.78
CA GLY B 225 -16.53 -29.69 -13.21
C GLY B 225 -15.54 -28.97 -14.12
N VAL B 226 -15.99 -27.93 -14.79
CA VAL B 226 -15.11 -27.17 -15.71
C VAL B 226 -14.03 -26.42 -14.93
N LYS B 227 -12.94 -26.10 -15.58
CA LYS B 227 -11.83 -25.45 -14.91
C LYS B 227 -12.23 -24.11 -14.30
N VAL B 228 -12.96 -23.33 -15.10
CA VAL B 228 -13.30 -21.95 -14.79
C VAL B 228 -14.49 -21.57 -15.65
N PHE B 229 -15.29 -20.62 -15.15
CA PHE B 229 -16.32 -19.94 -15.96
C PHE B 229 -16.41 -18.47 -15.61
N THR B 230 -16.66 -17.63 -16.63
CA THR B 230 -16.99 -16.22 -16.43
C THR B 230 -18.51 -16.05 -16.24
N THR B 231 -18.87 -15.12 -15.38
CA THR B 231 -20.28 -14.87 -15.03
C THR B 231 -20.55 -13.40 -14.75
N ASP B 232 -21.72 -12.96 -15.19
CA ASP B 232 -22.20 -11.59 -14.90
C ASP B 232 -22.82 -11.44 -13.51
N ARG B 233 -22.99 -12.57 -12.82
N ARG B 233 -23.00 -12.58 -12.82
CA ARG B 233 -23.57 -12.65 -11.47
CA ARG B 233 -23.59 -12.63 -11.48
C ARG B 233 -22.63 -13.40 -10.51
C ARG B 233 -22.64 -13.38 -10.52
N PRO B 234 -21.46 -12.80 -10.25
CA PRO B 234 -20.48 -13.41 -9.38
C PRO B 234 -20.99 -13.69 -7.96
N THR B 235 -21.83 -12.83 -7.41
CA THR B 235 -22.34 -13.04 -6.05
C THR B 235 -23.17 -14.33 -5.99
N LEU B 236 -24.06 -14.47 -6.95
CA LEU B 236 -24.84 -15.70 -7.09
C LEU B 236 -23.97 -16.92 -7.36
N ALA B 237 -22.97 -16.78 -8.21
CA ALA B 237 -22.11 -17.92 -8.55
C ALA B 237 -21.36 -18.41 -7.31
N ILE B 238 -20.87 -17.48 -6.51
CA ILE B 238 -20.19 -17.87 -5.23
C ILE B 238 -21.13 -18.66 -4.32
N ALA B 239 -22.34 -18.14 -4.19
CA ALA B 239 -23.33 -18.77 -3.32
C ALA B 239 -23.74 -20.16 -3.81
N LEU B 240 -23.96 -20.31 -5.12
CA LEU B 240 -24.25 -21.63 -5.70
C LEU B 240 -23.11 -22.61 -5.59
N ARG B 241 -21.86 -22.15 -5.76
CA ARG B 241 -20.72 -23.02 -5.65
C ARG B 241 -20.56 -23.48 -4.19
N THR B 242 -20.68 -22.57 -3.25
CA THR B 242 -20.63 -22.99 -1.81
C THR B 242 -21.66 -24.06 -1.51
N GLU B 243 -22.89 -23.86 -1.96
CA GLU B 243 -23.95 -24.87 -1.77
C GLU B 243 -23.59 -26.18 -2.46
N HIS B 244 -23.06 -26.09 -3.68
CA HIS B 244 -22.68 -27.26 -4.46
C HIS B 244 -21.62 -28.09 -3.73
N ARG B 245 -20.63 -27.40 -3.17
CA ARG B 245 -19.58 -28.04 -2.38
C ARG B 245 -20.13 -28.75 -1.14
N MSE B 246 -21.05 -28.08 -0.44
CA MSE B 246 -21.64 -28.68 0.76
C MSE B 246 -22.50 -29.87 0.37
O MSE B 246 -22.51 -30.85 1.10
CB MSE B 246 -22.49 -27.68 1.53
CG MSE B 246 -21.74 -26.52 2.17
SE MSE B 246 -20.62 -27.22 3.53
CE MSE B 246 -21.99 -27.79 4.79
N GLU B 247 -23.24 -29.80 -0.74
CA GLU B 247 -24.12 -30.90 -1.14
C GLU B 247 -23.37 -32.08 -1.77
N ALA B 248 -22.13 -31.86 -2.18
CA ALA B 248 -21.34 -32.89 -2.87
C ALA B 248 -21.08 -34.15 -2.03
N SER B 249 -20.85 -35.26 -2.74
CA SER B 249 -20.48 -36.56 -2.15
C SER B 249 -18.96 -36.67 -2.10
N MSE C 2 9.80 -35.65 -13.07
CA MSE C 2 11.03 -35.81 -12.27
C MSE C 2 10.80 -35.25 -10.85
O MSE C 2 9.94 -34.38 -10.67
CB MSE C 2 12.18 -35.08 -12.95
CG MSE C 2 12.02 -33.59 -12.92
SE MSE C 2 13.55 -32.65 -12.05
CE MSE C 2 14.30 -34.02 -10.78
N THR C 3 11.55 -35.72 -9.85
CA THR C 3 11.33 -35.36 -8.43
C THR C 3 12.61 -34.74 -7.90
N ARG C 4 12.51 -33.52 -7.35
CA ARG C 4 13.64 -32.81 -6.79
C ARG C 4 13.93 -33.25 -5.35
N ILE C 5 15.18 -33.13 -4.95
CA ILE C 5 15.64 -33.48 -3.60
C ILE C 5 16.13 -32.25 -2.88
N ALA C 6 15.63 -32.03 -1.66
CA ALA C 6 16.03 -30.91 -0.82
C ALA C 6 16.69 -31.48 0.46
N SER C 7 17.92 -31.10 0.70
CA SER C 7 18.67 -31.58 1.85
C SER C 7 18.13 -30.84 3.08
N HIS C 8 17.49 -31.58 3.97
CA HIS C 8 16.83 -31.00 5.15
C HIS C 8 17.83 -30.55 6.20
N ARG C 9 17.92 -29.23 6.41
CA ARG C 9 18.83 -28.61 7.37
C ARG C 9 20.29 -28.97 7.06
N GLY C 10 20.63 -29.11 5.78
CA GLY C 10 21.96 -29.56 5.40
C GLY C 10 22.22 -31.06 5.45
N GLY C 11 21.23 -31.86 5.88
CA GLY C 11 21.34 -33.32 5.94
C GLY C 11 21.58 -33.75 7.37
N THR C 12 20.57 -33.52 8.19
CA THR C 12 20.65 -33.73 9.65
C THR C 12 21.23 -35.08 10.05
N LEU C 13 20.74 -36.18 9.46
CA LEU C 13 21.15 -37.52 9.93
C LEU C 13 22.55 -37.94 9.43
N GLU C 14 23.16 -37.13 8.58
CA GLU C 14 24.53 -37.35 8.09
C GLU C 14 25.56 -36.45 8.74
N PHE C 15 25.20 -35.17 8.95
CA PHE C 15 26.14 -34.14 9.33
C PHE C 15 25.77 -33.32 10.57
N GLY C 16 24.69 -33.70 11.25
CA GLY C 16 24.18 -32.90 12.37
C GLY C 16 23.21 -31.83 11.85
N ASP C 17 22.49 -31.22 12.77
CA ASP C 17 21.44 -30.26 12.44
C ASP C 17 22.01 -28.87 12.10
N SER C 18 21.83 -28.45 10.85
CA SER C 18 22.17 -27.11 10.42
C SER C 18 23.64 -26.74 10.68
N THR C 19 24.54 -27.69 10.43
CA THR C 19 25.97 -27.47 10.67
C THR C 19 26.67 -26.94 9.43
N PRO C 20 27.71 -26.12 9.62
CA PRO C 20 28.57 -25.74 8.50
C PRO C 20 28.97 -26.92 7.65
N HIS C 21 29.31 -28.06 8.27
CA HIS C 21 29.67 -29.27 7.53
C HIS C 21 28.56 -29.75 6.60
N GLY C 22 27.34 -29.90 7.12
CA GLY C 22 26.23 -30.36 6.28
C GLY C 22 25.91 -29.41 5.15
N PHE C 23 25.92 -28.12 5.43
CA PHE C 23 25.64 -27.15 4.38
C PHE C 23 26.73 -27.14 3.31
N THR C 24 27.99 -27.32 3.73
CA THR C 24 29.11 -27.37 2.78
C THR C 24 29.02 -28.63 1.94
N ALA C 25 28.87 -29.77 2.59
CA ALA C 25 28.72 -31.05 1.90
C ALA C 25 27.56 -30.99 0.91
N THR C 26 26.40 -30.51 1.38
CA THR C 26 25.18 -30.46 0.56
C THR C 26 25.43 -29.59 -0.70
N ALA C 27 26.19 -28.52 -0.57
CA ALA C 27 26.43 -27.60 -1.67
C ALA C 27 27.20 -28.26 -2.86
N ALA C 28 27.89 -29.37 -2.60
CA ALA C 28 28.67 -30.06 -3.62
C ALA C 28 27.95 -31.32 -4.12
N MSE C 29 26.75 -31.63 -3.59
CA MSE C 29 26.05 -32.83 -4.01
C MSE C 29 25.19 -32.58 -5.23
O MSE C 29 24.80 -31.45 -5.47
CB MSE C 29 25.15 -33.36 -2.90
CG MSE C 29 25.87 -33.78 -1.66
SE MSE C 29 24.59 -34.60 -0.37
CE MSE C 29 25.88 -34.70 1.01
N ALA C 30 24.82 -33.66 -5.89
CA ALA C 30 23.99 -33.70 -7.09
C ALA C 30 22.52 -33.73 -6.73
N LEU C 31 22.09 -32.69 -6.06
CA LEU C 31 20.69 -32.54 -5.70
C LEU C 31 20.36 -31.08 -6.01
N GLU C 32 19.11 -30.70 -5.79
CA GLU C 32 18.60 -29.43 -6.29
C GLU C 32 18.45 -28.34 -5.27
N GLU C 33 18.18 -28.70 -4.01
CA GLU C 33 17.96 -27.70 -2.98
C GLU C 33 18.52 -28.04 -1.62
N VAL C 34 18.77 -27.00 -0.82
CA VAL C 34 19.08 -27.14 0.64
C VAL C 34 17.94 -26.44 1.37
N GLU C 35 17.39 -27.13 2.37
CA GLU C 35 16.33 -26.53 3.20
C GLU C 35 16.95 -26.06 4.51
N PHE C 36 16.46 -24.93 4.99
CA PHE C 36 16.90 -24.40 6.26
C PHE C 36 15.85 -23.43 6.82
N ASP C 37 15.96 -23.17 8.11
CA ASP C 37 15.07 -22.24 8.81
C ASP C 37 15.91 -21.08 9.36
N LEU C 38 15.26 -19.93 9.57
CA LEU C 38 15.93 -18.72 10.01
C LEU C 38 15.28 -18.08 11.24
N HIS C 39 16.10 -17.46 12.07
CA HIS C 39 15.60 -16.69 13.22
C HIS C 39 16.39 -15.41 13.41
N PRO C 40 15.73 -14.36 13.90
CA PRO C 40 16.50 -13.17 14.19
C PRO C 40 17.11 -13.15 15.60
N THR C 41 18.24 -12.47 15.74
CA THR C 41 18.84 -12.24 17.07
C THR C 41 18.28 -10.93 17.62
N ALA C 42 18.58 -10.61 18.88
CA ALA C 42 18.13 -9.39 19.53
C ALA C 42 18.75 -8.15 18.87
N ASP C 43 19.94 -8.32 18.33
CA ASP C 43 20.67 -7.24 17.71
C ASP C 43 20.64 -7.23 16.18
N GLY C 44 19.61 -7.81 15.57
CA GLY C 44 19.38 -7.67 14.14
C GLY C 44 20.13 -8.54 13.14
N ALA C 45 20.75 -9.61 13.62
CA ALA C 45 21.38 -10.58 12.74
C ALA C 45 20.34 -11.67 12.39
N ILE C 46 20.68 -12.52 11.43
CA ILE C 46 19.82 -13.60 10.97
C ILE C 46 20.63 -14.88 11.09
N VAL C 47 20.18 -15.83 11.91
N VAL C 47 20.12 -15.82 11.89
CA VAL C 47 20.93 -17.06 12.08
CA VAL C 47 20.82 -17.06 12.22
C VAL C 47 20.15 -18.26 11.61
C VAL C 47 20.13 -18.25 11.58
N VAL C 48 20.91 -19.24 11.13
CA VAL C 48 20.35 -20.45 10.54
C VAL C 48 20.23 -21.47 11.65
N HIS C 49 18.99 -21.83 12.00
CA HIS C 49 18.73 -22.71 13.11
C HIS C 49 17.30 -23.15 12.98
N HIS C 50 17.02 -24.37 13.39
CA HIS C 50 15.66 -24.89 13.26
C HIS C 50 14.75 -24.35 14.36
N ASP C 51 14.98 -24.78 15.60
CA ASP C 51 14.14 -24.30 16.72
C ASP C 51 14.38 -22.83 17.00
N PRO C 52 13.37 -22.15 17.58
CA PRO C 52 13.57 -20.75 18.01
C PRO C 52 14.45 -20.60 19.24
N THR C 53 14.83 -21.72 19.85
CA THR C 53 15.74 -21.75 20.98
C THR C 53 16.95 -22.64 20.63
N LEU C 54 18.06 -22.39 21.28
CA LEU C 54 19.27 -23.17 21.09
C LEU C 54 19.39 -24.48 21.85
N ASP C 55 18.42 -24.79 22.72
CA ASP C 55 18.53 -25.91 23.66
C ASP C 55 18.74 -27.30 23.04
N ALA C 56 17.96 -27.63 22.00
CA ALA C 56 17.91 -28.98 21.48
C ALA C 56 19.19 -29.44 20.76
N THR C 57 19.83 -28.53 20.00
CA THR C 57 20.96 -28.90 19.15
C THR C 57 22.29 -28.28 19.52
N THR C 58 22.34 -27.59 20.64
CA THR C 58 23.62 -26.99 21.06
C THR C 58 23.86 -27.21 22.54
N ASP C 59 24.98 -26.67 23.04
CA ASP C 59 25.28 -26.70 24.49
C ASP C 59 24.69 -25.52 25.28
N MSE C 60 24.05 -24.57 24.60
N MSE C 60 23.96 -24.63 24.63
CA MSE C 60 23.48 -23.35 25.20
CA MSE C 60 23.45 -23.45 25.30
C MSE C 60 21.98 -23.49 25.40
C MSE C 60 21.94 -23.46 25.34
O MSE C 60 21.39 -24.48 24.98
O MSE C 60 21.32 -24.33 24.76
CB MSE C 60 23.74 -22.10 24.33
CB MSE C 60 24.04 -22.22 24.65
CG MSE C 60 25.19 -21.72 24.20
CG MSE C 60 25.55 -22.36 24.58
SE MSE C 60 26.05 -21.49 25.97
SE MSE C 60 26.52 -20.73 24.59
CE MSE C 60 27.76 -21.69 25.43
CE MSE C 60 28.27 -21.40 25.11
N THR C 61 21.37 -22.47 26.01
CA THR C 61 19.94 -22.47 26.27
C THR C 61 19.36 -21.08 25.99
N GLY C 62 18.11 -21.00 25.56
CA GLY C 62 17.44 -19.72 25.39
C GLY C 62 16.91 -19.46 24.01
N ALA C 63 16.08 -18.43 23.92
CA ALA C 63 15.46 -17.98 22.68
C ALA C 63 16.47 -17.13 21.92
N ILE C 64 16.63 -17.45 20.65
CA ILE C 64 17.55 -16.75 19.76
C ILE C 64 17.25 -15.27 19.66
N VAL C 65 15.97 -14.91 19.59
CA VAL C 65 15.57 -13.49 19.45
C VAL C 65 15.92 -12.66 20.69
N ASP C 66 16.19 -13.33 21.82
CA ASP C 66 16.58 -12.64 23.09
C ASP C 66 18.08 -12.50 23.23
N MSE C 67 18.86 -13.01 22.29
CA MSE C 67 20.30 -12.99 22.49
C MSE C 67 21.06 -12.31 21.36
O MSE C 67 20.54 -12.16 20.25
CB MSE C 67 20.83 -14.41 22.78
CG MSE C 67 20.40 -15.48 21.85
SE MSE C 67 21.00 -17.29 22.36
CE MSE C 67 19.87 -17.87 23.45
N THR C 68 22.27 -11.87 21.66
CA THR C 68 23.07 -11.21 20.68
C THR C 68 23.60 -12.27 19.75
N LEU C 69 24.06 -11.86 18.58
CA LEU C 69 24.74 -12.73 17.65
C LEU C 69 26.00 -13.27 18.32
N ALA C 70 26.69 -12.42 19.07
CA ALA C 70 27.90 -12.88 19.74
C ALA C 70 27.60 -14.09 20.64
N LYS C 71 26.54 -14.01 21.43
CA LYS C 71 26.16 -15.09 22.31
C LYS C 71 25.83 -16.36 21.54
N VAL C 72 25.04 -16.23 20.46
CA VAL C 72 24.73 -17.39 19.60
C VAL C 72 26.00 -18.03 19.06
N LYS C 73 26.95 -17.19 18.66
CA LYS C 73 28.20 -17.65 18.15
C LYS C 73 29.09 -18.42 19.17
N THR C 74 28.81 -18.31 20.45
CA THR C 74 29.56 -19.10 21.44
C THR C 74 28.99 -20.54 21.55
N ALA C 75 27.77 -20.77 21.06
CA ALA C 75 27.13 -22.08 21.11
C ALA C 75 27.83 -23.07 20.19
N THR C 76 27.97 -24.31 20.65
CA THR C 76 28.59 -25.36 19.86
C THR C 76 27.48 -26.33 19.45
N ILE C 77 27.41 -26.67 18.17
CA ILE C 77 26.33 -27.55 17.69
C ILE C 77 26.65 -29.02 18.00
N ARG C 78 25.67 -29.74 18.52
N ARG C 78 25.66 -29.75 18.49
CA ARG C 78 25.81 -31.17 18.76
CA ARG C 78 25.82 -31.18 18.76
C ARG C 78 26.11 -31.90 17.47
C ARG C 78 26.11 -31.90 17.47
N TYR C 79 27.15 -32.75 17.52
CA TYR C 79 27.60 -33.55 16.39
C TYR C 79 28.32 -32.71 15.32
N GLY C 80 28.67 -31.49 15.65
CA GLY C 80 29.21 -30.53 14.72
C GLY C 80 30.69 -30.28 14.86
N ALA C 81 31.41 -31.17 15.53
CA ALA C 81 32.86 -31.01 15.69
C ALA C 81 33.31 -29.60 16.02
N GLY C 82 32.67 -28.96 17.00
CA GLY C 82 33.07 -27.63 17.44
C GLY C 82 32.51 -26.43 16.67
N SER C 83 31.72 -26.70 15.62
N SER C 83 31.72 -26.71 15.63
CA SER C 83 31.18 -25.63 14.79
CA SER C 83 31.10 -25.68 14.80
C SER C 83 30.07 -24.90 15.51
C SER C 83 30.08 -24.87 15.57
N HIS C 84 29.83 -23.66 15.07
CA HIS C 84 28.87 -22.75 15.64
C HIS C 84 27.74 -22.48 14.66
N PRO C 85 26.60 -21.98 15.18
CA PRO C 85 25.50 -21.63 14.27
C PRO C 85 25.97 -20.58 13.26
N MSE C 86 25.51 -20.74 12.02
CA MSE C 86 25.82 -19.84 10.91
C MSE C 86 24.89 -18.61 10.83
O MSE C 86 23.76 -18.67 11.22
CB MSE C 86 25.66 -20.56 9.56
CG MSE C 86 26.32 -21.92 9.41
SE MSE C 86 26.50 -22.48 7.56
CE MSE C 86 27.91 -21.25 7.06
N THR C 87 25.38 -17.52 10.26
CA THR C 87 24.51 -16.40 9.90
C THR C 87 24.01 -16.65 8.47
N LEU C 88 22.95 -15.96 8.06
CA LEU C 88 22.45 -16.09 6.68
C LEU C 88 23.54 -15.71 5.67
N GLU C 89 24.31 -14.65 5.96
CA GLU C 89 25.39 -14.26 5.05
C GLU C 89 26.41 -15.38 4.86
N GLU C 90 26.82 -16.02 5.97
CA GLU C 90 27.76 -17.14 5.88
C GLU C 90 27.23 -18.30 5.07
N LEU C 91 25.95 -18.59 5.25
CA LEU C 91 25.32 -19.63 4.46
C LEU C 91 25.34 -19.29 2.97
N CYS C 92 24.95 -18.06 2.63
CA CYS C 92 24.93 -17.66 1.22
C CYS C 92 26.29 -17.83 0.59
N ALA C 93 27.34 -17.50 1.35
CA ALA C 93 28.74 -17.65 0.88
C ALA C 93 29.08 -19.06 0.44
N LEU C 94 28.58 -20.07 1.15
CA LEU C 94 28.81 -21.47 0.77
C LEU C 94 28.10 -21.87 -0.53
N TYR C 95 27.07 -21.13 -0.95
CA TYR C 95 26.26 -21.53 -2.11
C TYR C 95 26.41 -20.71 -3.39
N VAL C 96 27.14 -19.61 -3.35
CA VAL C 96 27.15 -18.72 -4.51
C VAL C 96 27.72 -19.36 -5.78
N ASP C 97 28.71 -20.26 -5.64
CA ASP C 97 29.24 -20.99 -6.79
C ASP C 97 28.70 -22.43 -6.91
N SER C 98 27.62 -22.74 -6.21
CA SER C 98 27.02 -24.06 -6.27
C SER C 98 25.82 -23.97 -7.17
N HIS C 99 25.42 -25.10 -7.72
CA HIS C 99 24.22 -25.17 -8.49
C HIS C 99 23.01 -25.42 -7.60
N VAL C 100 23.24 -25.67 -6.31
CA VAL C 100 22.16 -26.05 -5.38
C VAL C 100 21.42 -24.79 -4.93
N ASN C 101 20.08 -24.82 -4.99
CA ASN C 101 19.33 -23.61 -4.63
C ASN C 101 18.70 -23.70 -3.23
N PHE C 102 18.00 -22.64 -2.81
CA PHE C 102 17.51 -22.50 -1.42
C PHE C 102 16.01 -22.79 -1.27
N ARG C 103 15.67 -23.48 -0.17
CA ARG C 103 14.30 -23.64 0.30
C ARG C 103 14.31 -23.07 1.71
N CYS C 104 13.87 -21.81 1.84
CA CYS C 104 13.94 -21.05 3.09
C CYS C 104 12.61 -21.10 3.86
N GLU C 105 12.62 -21.60 5.10
CA GLU C 105 11.39 -21.70 5.88
C GLU C 105 11.26 -20.56 6.90
N ILE C 106 10.09 -19.92 6.91
CA ILE C 106 9.75 -18.84 7.88
C ILE C 106 9.03 -19.47 9.06
N LYS C 107 9.75 -19.55 10.18
CA LYS C 107 9.24 -20.15 11.40
C LYS C 107 8.95 -19.05 12.43
N PRO C 108 7.98 -19.29 13.31
CA PRO C 108 7.72 -18.29 14.35
C PRO C 108 8.66 -18.42 15.55
N GLY C 109 8.47 -17.54 16.53
CA GLY C 109 9.17 -17.63 17.79
C GLY C 109 8.60 -18.64 18.75
N VAL C 110 9.18 -18.67 19.96
CA VAL C 110 8.74 -19.61 21.02
C VAL C 110 7.26 -19.55 21.28
N ASP C 111 6.70 -18.35 21.22
CA ASP C 111 5.29 -18.17 21.50
C ASP C 111 4.34 -18.53 20.35
N GLY C 112 4.89 -19.05 19.23
CA GLY C 112 4.05 -19.46 18.10
C GLY C 112 3.61 -18.34 17.17
N LEU C 113 4.04 -17.12 17.45
CA LEU C 113 3.65 -15.99 16.63
C LEU C 113 4.79 -15.63 15.68
N PRO C 114 4.46 -15.14 14.48
CA PRO C 114 5.56 -14.75 13.56
C PRO C 114 6.39 -13.62 14.08
N TYR C 115 7.65 -13.57 13.65
CA TYR C 115 8.55 -12.49 14.05
C TYR C 115 8.14 -11.26 13.25
N GLU C 116 7.81 -10.20 13.98
CA GLU C 116 7.38 -8.95 13.35
C GLU C 116 8.55 -8.34 12.56
N GLY C 117 8.31 -8.01 11.30
CA GLY C 117 9.32 -7.39 10.42
C GLY C 117 10.42 -8.28 9.84
N PHE C 118 10.41 -9.56 10.20
CA PHE C 118 11.48 -10.48 9.83
C PHE C 118 11.45 -10.93 8.37
N VAL C 119 10.26 -11.18 7.81
CA VAL C 119 10.17 -11.50 6.40
C VAL C 119 10.89 -10.43 5.55
N ALA C 120 10.64 -9.16 5.82
CA ALA C 120 11.33 -8.06 5.07
C ALA C 120 12.86 -8.16 5.20
N LEU C 121 13.32 -8.47 6.39
CA LEU C 121 14.75 -8.58 6.69
C LEU C 121 15.38 -9.77 6.00
N VAL C 122 14.64 -10.87 5.94
CA VAL C 122 15.15 -12.07 5.29
C VAL C 122 15.32 -11.80 3.81
N ILE C 123 14.30 -11.20 3.22
CA ILE C 123 14.32 -10.92 1.79
C ILE C 123 15.46 -9.96 1.44
N ALA C 124 15.60 -8.90 2.23
CA ALA C 124 16.71 -7.92 2.10
C ALA C 124 18.10 -8.56 2.23
N GLY C 125 18.23 -9.53 3.15
CA GLY C 125 19.49 -10.26 3.31
C GLY C 125 19.79 -11.16 2.14
N LEU C 126 18.80 -11.94 1.70
CA LEU C 126 19.01 -12.79 0.55
C LEU C 126 19.42 -11.97 -0.70
N GLU C 127 18.77 -10.84 -0.87
CA GLU C 127 19.05 -9.90 -1.97
C GLU C 127 20.48 -9.36 -1.88
N ARG C 128 20.87 -8.92 -0.70
CA ARG C 128 22.23 -8.39 -0.48
C ARG C 128 23.29 -9.42 -0.86
N HIS C 129 23.03 -10.70 -0.62
CA HIS C 129 24.02 -11.73 -0.88
C HIS C 129 23.76 -12.56 -2.11
N SER C 130 22.97 -12.01 -3.04
CA SER C 130 22.71 -12.59 -4.36
C SER C 130 22.05 -13.98 -4.38
N MSE C 131 21.22 -14.25 -3.38
CA MSE C 131 20.55 -15.54 -3.32
C MSE C 131 19.03 -15.50 -3.42
O MSE C 131 18.40 -16.55 -3.54
CB MSE C 131 20.99 -16.31 -2.06
CG MSE C 131 22.44 -16.80 -2.15
SE MSE C 131 22.76 -18.09 -3.54
CE MSE C 131 21.46 -19.59 -3.15
N LEU C 132 18.45 -14.31 -3.42
CA LEU C 132 16.99 -14.18 -3.46
C LEU C 132 16.41 -14.85 -4.67
N GLU C 133 17.00 -14.64 -5.83
CA GLU C 133 16.50 -15.24 -7.07
C GLU C 133 16.76 -16.73 -7.20
N ARG C 134 17.41 -17.35 -6.21
CA ARG C 134 17.53 -18.79 -6.17
C ARG C 134 16.83 -19.37 -4.90
N THR C 135 15.86 -18.63 -4.35
CA THR C 135 15.13 -19.05 -3.13
C THR C 135 13.65 -19.29 -3.38
N THR C 136 13.14 -20.40 -2.82
CA THR C 136 11.73 -20.68 -2.64
C THR C 136 11.46 -20.55 -1.13
N PHE C 137 10.33 -19.94 -0.75
CA PHE C 137 9.98 -19.72 0.65
C PHE C 137 8.89 -20.65 1.08
N SER C 138 8.95 -21.12 2.33
CA SER C 138 7.94 -22.07 2.82
C SER C 138 7.55 -21.61 4.21
N SER C 139 6.36 -22.00 4.66
CA SER C 139 5.95 -21.80 6.07
C SER C 139 4.77 -22.67 6.38
N PHE C 140 4.60 -23.02 7.66
CA PHE C 140 3.38 -23.69 8.12
C PHE C 140 2.25 -22.71 8.36
N LEU C 141 2.60 -21.44 8.56
CA LEU C 141 1.64 -20.44 8.96
C LEU C 141 1.11 -19.61 7.79
N LEU C 142 -0.19 -19.59 7.62
CA LEU C 142 -0.78 -18.73 6.57
C LEU C 142 -0.51 -17.24 6.72
N ALA C 143 -0.39 -16.73 7.95
CA ALA C 143 0.00 -15.34 8.16
C ALA C 143 1.34 -15.05 7.47
N SER C 144 2.30 -15.97 7.59
CA SER C 144 3.62 -15.84 6.97
C SER C 144 3.54 -16.00 5.45
N MSE C 145 2.68 -16.90 4.99
N MSE C 145 2.72 -16.95 5.00
CA MSE C 145 2.44 -17.07 3.58
CA MSE C 145 2.46 -17.10 3.58
C MSE C 145 1.90 -15.78 2.98
C MSE C 145 1.95 -15.76 3.02
O MSE C 145 2.33 -15.36 1.90
O MSE C 145 2.48 -15.28 2.01
CB MSE C 145 1.46 -18.22 3.34
CB MSE C 145 1.42 -18.19 3.32
CG MSE C 145 1.98 -19.60 3.82
CG MSE C 145 1.96 -19.65 3.34
SE MSE C 145 3.63 -20.18 2.99
SE MSE C 145 3.04 -20.14 1.76
CE MSE C 145 4.89 -19.00 3.60
CE MSE C 145 4.79 -19.68 2.39
N ASP C 146 0.95 -15.16 3.66
CA ASP C 146 0.40 -13.88 3.21
C ASP C 146 1.45 -12.77 3.22
N GLU C 147 2.28 -12.71 4.26
CA GLU C 147 3.35 -11.71 4.27
C GLU C 147 4.29 -11.88 3.09
N LEU C 148 4.65 -13.12 2.80
CA LEU C 148 5.55 -13.42 1.70
C LEU C 148 4.92 -13.06 0.33
N TRP C 149 3.65 -13.43 0.16
CA TRP C 149 2.88 -13.05 -1.04
C TRP C 149 2.95 -11.55 -1.34
N LYS C 150 2.84 -10.73 -0.30
CA LYS C 150 2.91 -9.28 -0.46
C LYS C 150 4.33 -8.81 -0.72
N ALA C 151 5.31 -9.52 -0.19
CA ALA C 151 6.70 -8.98 -0.14
C ALA C 151 7.67 -9.48 -1.20
N THR C 152 7.37 -10.59 -1.87
CA THR C 152 8.29 -11.15 -2.82
C THR C 152 7.56 -11.84 -3.95
N THR C 153 8.19 -11.80 -5.11
CA THR C 153 7.74 -12.51 -6.29
C THR C 153 8.25 -13.95 -6.33
N ARG C 154 9.12 -14.32 -5.38
CA ARG C 154 9.65 -15.68 -5.37
C ARG C 154 8.60 -16.77 -5.09
N PRO C 155 8.85 -17.98 -5.56
CA PRO C 155 7.92 -19.08 -5.32
C PRO C 155 7.67 -19.29 -3.83
N ARG C 156 6.46 -19.67 -3.49
CA ARG C 156 6.08 -19.93 -2.10
C ARG C 156 5.47 -21.33 -2.02
N LEU C 157 5.63 -22.00 -0.90
CA LEU C 157 4.92 -23.26 -0.69
C LEU C 157 4.44 -23.36 0.75
N TRP C 158 3.18 -23.79 0.89
CA TRP C 158 2.57 -23.92 2.19
C TRP C 158 2.79 -25.32 2.73
N LEU C 159 3.45 -25.38 3.89
CA LEU C 159 3.63 -26.62 4.61
C LEU C 159 2.31 -26.93 5.34
N VAL C 160 1.63 -28.01 4.92
CA VAL C 160 0.36 -28.42 5.52
C VAL C 160 0.62 -29.57 6.51
N SER C 161 0.45 -29.30 7.81
CA SER C 161 0.72 -30.31 8.83
C SER C 161 -0.30 -31.47 8.78
N PRO C 162 0.08 -32.65 9.34
CA PRO C 162 -0.91 -33.73 9.47
C PRO C 162 -2.22 -33.30 10.12
N SER C 163 -2.16 -32.44 11.14
CA SER C 163 -3.38 -31.97 11.83
C SER C 163 -4.25 -31.16 10.91
N VAL C 164 -3.69 -30.13 10.26
CA VAL C 164 -4.43 -29.35 9.28
C VAL C 164 -5.01 -30.25 8.18
N LEU C 165 -4.22 -31.17 7.65
CA LEU C 165 -4.70 -32.00 6.54
C LEU C 165 -5.83 -32.92 6.99
N GLN C 166 -5.69 -33.53 8.16
CA GLN C 166 -6.73 -34.45 8.63
C GLN C 166 -8.03 -33.71 9.00
N GLN C 167 -7.88 -32.60 9.70
CA GLN C 167 -9.05 -31.86 10.20
C GLN C 167 -9.79 -31.05 9.13
N LEU C 168 -9.06 -30.27 8.32
CA LEU C 168 -9.70 -29.57 7.20
C LEU C 168 -10.16 -30.55 6.15
N GLY C 169 -9.34 -31.56 5.89
CA GLY C 169 -9.55 -32.46 4.75
C GLY C 169 -8.96 -31.83 3.47
N PRO C 170 -8.66 -32.66 2.44
CA PRO C 170 -7.96 -32.12 1.24
C PRO C 170 -8.72 -31.09 0.45
N GLY C 171 -10.05 -31.23 0.35
CA GLY C 171 -10.83 -30.24 -0.37
C GLY C 171 -10.70 -28.84 0.23
N ALA C 172 -10.77 -28.72 1.54
CA ALA C 172 -10.73 -27.42 2.21
C ALA C 172 -9.29 -26.86 2.22
N VAL C 173 -8.32 -27.76 2.35
CA VAL C 173 -6.90 -27.39 2.23
C VAL C 173 -6.68 -26.72 0.87
N ILE C 174 -7.17 -27.34 -0.18
CA ILE C 174 -7.03 -26.77 -1.55
C ILE C 174 -7.74 -25.40 -1.69
N GLU C 175 -8.98 -25.29 -1.20
CA GLU C 175 -9.71 -24.04 -1.25
C GLU C 175 -8.98 -22.94 -0.49
N THR C 176 -8.42 -23.31 0.65
CA THR C 176 -7.71 -22.36 1.50
C THR C 176 -6.45 -21.90 0.77
N ALA C 177 -5.71 -22.85 0.21
CA ALA C 177 -4.52 -22.52 -0.59
C ALA C 177 -4.86 -21.54 -1.72
N ILE C 178 -5.91 -21.82 -2.49
CA ILE C 178 -6.29 -20.98 -3.61
C ILE C 178 -6.73 -19.58 -3.15
N ALA C 179 -7.43 -19.53 -2.02
CA ALA C 179 -7.91 -18.26 -1.41
C ALA C 179 -6.77 -17.34 -1.02
N HIS C 180 -5.59 -17.94 -0.78
CA HIS C 180 -4.39 -17.23 -0.36
C HIS C 180 -3.33 -17.14 -1.47
N SER C 181 -3.74 -17.41 -2.71
CA SER C 181 -2.81 -17.38 -3.87
C SER C 181 -1.57 -18.26 -3.67
N ILE C 182 -1.77 -19.43 -3.04
CA ILE C 182 -0.71 -20.38 -2.81
C ILE C 182 -0.76 -21.41 -3.92
N HIS C 183 0.37 -21.61 -4.61
CA HIS C 183 0.41 -22.47 -5.78
C HIS C 183 0.96 -23.84 -5.59
N GLU C 184 1.49 -24.12 -4.40
CA GLU C 184 2.11 -25.39 -4.08
C GLU C 184 1.91 -25.70 -2.60
N ILE C 185 1.57 -26.95 -2.29
CA ILE C 185 1.64 -27.40 -0.90
C ILE C 185 2.67 -28.53 -0.69
N GLY C 186 3.10 -28.66 0.56
CA GLY C 186 3.99 -29.72 1.02
C GLY C 186 3.34 -30.43 2.20
N VAL C 187 3.22 -31.75 2.11
CA VAL C 187 2.65 -32.57 3.19
C VAL C 187 3.70 -33.57 3.69
N HIS C 188 3.56 -34.00 4.94
CA HIS C 188 4.41 -35.01 5.52
C HIS C 188 4.29 -36.24 4.60
N ILE C 189 5.43 -36.82 4.26
CA ILE C 189 5.46 -38.02 3.38
C ILE C 189 4.49 -39.12 3.84
N ASP C 190 4.36 -39.29 5.15
CA ASP C 190 3.47 -40.30 5.71
C ASP C 190 1.97 -40.03 5.50
N THR C 191 1.62 -38.80 5.14
CA THR C 191 0.22 -38.45 4.84
C THR C 191 -0.04 -38.33 3.35
N ALA C 192 1.00 -38.54 2.53
CA ALA C 192 0.86 -38.44 1.07
C ALA C 192 0.40 -39.76 0.49
N ASP C 193 -0.40 -39.66 -0.57
CA ASP C 193 -0.74 -40.81 -1.38
C ASP C 193 -1.10 -40.33 -2.77
N ALA C 194 -1.30 -41.29 -3.67
CA ALA C 194 -1.61 -40.99 -5.07
C ALA C 194 -2.91 -40.22 -5.26
N GLY C 195 -3.95 -40.61 -4.54
CA GLY C 195 -5.22 -39.87 -4.62
C GLY C 195 -5.12 -38.43 -4.12
N LEU C 196 -4.38 -38.21 -3.04
CA LEU C 196 -4.17 -36.84 -2.57
C LEU C 196 -3.42 -36.01 -3.60
N MSE C 197 -2.33 -36.53 -4.13
CA MSE C 197 -1.55 -35.78 -5.11
C MSE C 197 -2.39 -35.43 -6.34
O MSE C 197 -2.29 -34.33 -6.85
CB MSE C 197 -0.30 -36.57 -5.55
CG MSE C 197 0.48 -35.95 -6.67
SE MSE C 197 2.11 -36.96 -6.90
CE MSE C 197 2.52 -36.49 -8.68
N ALA C 198 -3.20 -36.37 -6.81
CA ALA C 198 -4.07 -36.14 -7.95
C ALA C 198 -5.10 -35.03 -7.72
N GLN C 199 -5.73 -35.03 -6.54
CA GLN C 199 -6.69 -34.02 -6.14
C GLN C 199 -6.06 -32.62 -6.11
N VAL C 200 -4.86 -32.52 -5.52
CA VAL C 200 -4.13 -31.27 -5.51
C VAL C 200 -3.80 -30.81 -6.91
N GLN C 201 -3.25 -31.70 -7.75
CA GLN C 201 -2.84 -31.29 -9.09
C GLN C 201 -4.04 -30.97 -9.99
N ALA C 202 -5.18 -31.64 -9.80
CA ALA C 202 -6.42 -31.31 -10.54
C ALA C 202 -6.91 -29.90 -10.30
N ALA C 203 -6.64 -29.36 -9.09
CA ALA C 203 -7.01 -28.02 -8.75
C ALA C 203 -5.95 -27.01 -9.22
N GLY C 204 -4.89 -27.48 -9.86
CA GLY C 204 -3.90 -26.61 -10.45
C GLY C 204 -2.70 -26.29 -9.55
N LEU C 205 -2.58 -27.06 -8.48
CA LEU C 205 -1.52 -26.87 -7.50
C LEU C 205 -0.41 -27.91 -7.63
N ASP C 206 0.82 -27.47 -7.35
CA ASP C 206 1.97 -28.38 -7.21
C ASP C 206 1.91 -29.12 -5.88
N PHE C 207 2.41 -30.36 -5.88
CA PHE C 207 2.37 -31.26 -4.72
C PHE C 207 3.78 -31.80 -4.43
N GLY C 208 4.25 -31.59 -3.21
CA GLY C 208 5.50 -32.15 -2.72
C GLY C 208 5.35 -32.63 -1.27
N CYS C 209 6.45 -33.14 -0.72
CA CYS C 209 6.46 -33.73 0.62
C CYS C 209 7.63 -33.28 1.46
N TRP C 210 7.54 -33.56 2.77
CA TRP C 210 8.64 -33.30 3.70
C TRP C 210 8.74 -34.48 4.69
N ALA C 211 9.88 -34.56 5.39
CA ALA C 211 10.16 -35.60 6.41
C ALA C 211 10.36 -37.02 5.82
N ALA C 212 10.93 -37.07 4.62
CA ALA C 212 11.20 -38.34 3.92
C ALA C 212 12.64 -38.73 4.28
N HIS C 213 12.79 -39.36 5.43
CA HIS C 213 14.12 -39.63 6.00
C HIS C 213 14.63 -41.07 5.88
N THR C 214 13.72 -42.02 5.71
CA THR C 214 14.07 -43.45 5.59
C THR C 214 14.00 -43.94 4.14
N PRO C 215 14.66 -45.08 3.81
CA PRO C 215 14.54 -45.58 2.45
C PRO C 215 13.11 -45.79 1.95
N SER C 216 12.22 -46.30 2.82
N SER C 216 12.22 -46.29 2.82
CA SER C 216 10.82 -46.48 2.45
CA SER C 216 10.83 -46.51 2.45
C SER C 216 10.15 -45.16 2.09
C SER C 216 10.08 -45.21 2.15
N GLN C 217 10.40 -44.15 2.88
CA GLN C 217 9.79 -42.83 2.68
C GLN C 217 10.31 -42.16 1.41
N ILE C 218 11.62 -42.22 1.20
CA ILE C 218 12.27 -41.67 -0.01
C ILE C 218 11.73 -42.39 -1.26
N THR C 219 11.66 -43.73 -1.19
CA THR C 219 11.10 -44.53 -2.29
C THR C 219 9.66 -44.20 -2.59
N LYS C 220 8.86 -43.98 -1.53
CA LYS C 220 7.47 -43.59 -1.70
C LYS C 220 7.35 -42.25 -2.44
N ALA C 221 8.15 -41.26 -2.03
CA ALA C 221 8.18 -39.95 -2.67
C ALA C 221 8.52 -40.10 -4.13
N LEU C 222 9.55 -40.88 -4.43
CA LEU C 222 9.97 -41.13 -5.82
C LEU C 222 8.89 -41.86 -6.62
N ASP C 223 8.33 -42.92 -6.06
CA ASP C 223 7.26 -43.67 -6.74
C ASP C 223 6.05 -42.80 -7.05
N LEU C 224 5.65 -41.94 -6.10
CA LEU C 224 4.51 -41.04 -6.33
C LEU C 224 4.77 -39.96 -7.36
N GLY C 225 6.05 -39.66 -7.61
CA GLY C 225 6.45 -38.65 -8.57
C GLY C 225 6.22 -37.24 -8.08
N VAL C 226 6.46 -37.01 -6.78
CA VAL C 226 6.17 -35.70 -6.16
C VAL C 226 7.13 -34.65 -6.68
N LYS C 227 6.75 -33.39 -6.60
CA LYS C 227 7.60 -32.33 -7.15
C LYS C 227 8.95 -32.28 -6.50
N VAL C 228 8.98 -32.40 -5.17
CA VAL C 228 10.17 -32.21 -4.34
C VAL C 228 9.91 -32.88 -3.00
N PHE C 229 10.97 -33.30 -2.33
CA PHE C 229 10.85 -33.74 -0.95
C PHE C 229 12.05 -33.32 -0.19
N THR C 230 11.87 -32.99 1.09
CA THR C 230 13.01 -32.75 1.99
C THR C 230 13.36 -34.07 2.69
N THR C 231 14.67 -34.25 2.94
CA THR C 231 15.23 -35.45 3.55
C THR C 231 16.48 -35.17 4.40
N ASP C 232 16.55 -35.89 5.52
CA ASP C 232 17.70 -35.85 6.42
C ASP C 232 18.84 -36.75 5.95
N ARG C 233 18.61 -37.57 4.91
N ARG C 233 18.59 -37.55 4.90
CA ARG C 233 19.63 -38.45 4.33
CA ARG C 233 19.59 -38.47 4.30
C ARG C 233 19.76 -38.16 2.82
C ARG C 233 19.73 -38.14 2.80
N PRO C 234 20.27 -36.96 2.48
CA PRO C 234 20.38 -36.55 1.07
C PRO C 234 21.23 -37.52 0.20
N THR C 235 22.30 -38.06 0.78
CA THR C 235 23.17 -39.00 0.05
C THR C 235 22.40 -40.21 -0.39
N LEU C 236 21.67 -40.82 0.54
CA LEU C 236 20.81 -41.94 0.24
C LEU C 236 19.75 -41.57 -0.76
N ALA C 237 19.13 -40.41 -0.56
CA ALA C 237 18.10 -39.94 -1.49
C ALA C 237 18.60 -39.87 -2.97
N ILE C 238 19.77 -39.34 -3.16
CA ILE C 238 20.36 -39.24 -4.52
C ILE C 238 20.57 -40.67 -5.09
N ALA C 239 21.11 -41.58 -4.28
CA ALA C 239 21.34 -42.96 -4.71
C ALA C 239 20.06 -43.65 -5.10
N LEU C 240 19.03 -43.51 -4.27
CA LEU C 240 17.73 -44.11 -4.57
C LEU C 240 17.05 -43.52 -5.81
N ARG C 241 17.18 -42.21 -5.99
CA ARG C 241 16.63 -41.57 -7.19
C ARG C 241 17.29 -42.13 -8.46
N THR C 242 18.61 -42.24 -8.42
CA THR C 242 19.36 -42.81 -9.56
C THR C 242 18.84 -44.23 -9.92
N GLU C 243 18.74 -45.12 -8.94
CA GLU C 243 18.22 -46.47 -9.18
C GLU C 243 16.78 -46.43 -9.69
N HIS C 244 15.98 -45.49 -9.18
CA HIS C 244 14.58 -45.37 -9.59
C HIS C 244 14.42 -44.91 -11.05
N ARG C 245 15.29 -43.99 -11.47
CA ARG C 245 15.27 -43.43 -12.84
C ARG C 245 15.53 -44.54 -13.88
N MSE C 246 16.49 -45.40 -13.58
CA MSE C 246 16.81 -46.53 -14.46
C MSE C 246 15.60 -47.44 -14.68
O MSE C 246 15.27 -47.77 -15.82
CB MSE C 246 17.96 -47.35 -13.87
CG MSE C 246 18.29 -48.57 -14.70
SE MSE C 246 19.57 -49.73 -13.87
CE MSE C 246 19.17 -51.43 -15.12
N GLU C 247 14.97 -47.87 -13.58
CA GLU C 247 13.78 -48.71 -13.66
C GLU C 247 12.65 -48.01 -14.44
N ALA C 248 12.55 -46.68 -14.25
CA ALA C 248 11.57 -45.85 -14.95
C ALA C 248 11.75 -45.91 -16.47
N SER C 249 12.99 -46.14 -16.93
CA SER C 249 13.28 -46.39 -18.35
C SER C 249 12.75 -47.78 -18.73
N MSE D 2 24.56 35.67 1.26
CA MSE D 2 23.67 36.47 0.37
C MSE D 2 22.28 35.81 0.48
O MSE D 2 22.17 34.61 0.28
CB MSE D 2 24.19 36.44 -1.07
CG MSE D 2 23.87 37.66 -1.98
SE MSE D 2 22.20 37.57 -3.09
CE MSE D 2 22.53 39.02 -4.50
N THR D 3 21.28 36.56 0.88
CA THR D 3 19.93 36.03 0.98
C THR D 3 19.17 36.55 -0.22
N ARG D 4 18.68 35.63 -1.03
CA ARG D 4 17.92 35.96 -2.20
C ARG D 4 16.46 36.29 -1.91
N ILE D 5 15.91 37.16 -2.75
CA ILE D 5 14.49 37.62 -2.66
C ILE D 5 13.69 37.11 -3.84
N ALA D 6 12.56 36.45 -3.54
CA ALA D 6 11.65 36.00 -4.54
C ALA D 6 10.32 36.73 -4.37
N SER D 7 9.82 37.34 -5.45
CA SER D 7 8.56 38.10 -5.39
C SER D 7 7.41 37.12 -5.51
N HIS D 8 6.66 37.02 -4.42
CA HIS D 8 5.58 36.03 -4.30
C HIS D 8 4.39 36.43 -5.14
N ARG D 9 4.08 35.62 -6.14
CA ARG D 9 3.00 35.84 -7.09
C ARG D 9 3.10 37.21 -7.77
N GLY D 10 4.33 37.68 -7.94
CA GLY D 10 4.57 38.98 -8.52
C GLY D 10 4.47 40.14 -7.56
N GLY D 11 4.19 39.89 -6.27
CA GLY D 11 4.13 40.92 -5.25
C GLY D 11 2.71 41.19 -4.75
N THR D 12 2.09 40.15 -4.18
CA THR D 12 0.64 40.13 -3.92
C THR D 12 0.12 41.35 -3.26
N LEU D 13 0.78 41.77 -2.20
CA LEU D 13 0.24 42.84 -1.38
C LEU D 13 0.58 44.23 -1.90
N GLU D 14 1.30 44.29 -3.01
CA GLU D 14 1.60 45.55 -3.65
C GLU D 14 0.76 45.72 -4.87
N PHE D 15 0.64 44.66 -5.66
CA PHE D 15 0.06 44.75 -7.00
C PHE D 15 -1.13 43.83 -7.28
N GLY D 16 -1.65 43.15 -6.27
CA GLY D 16 -2.64 42.11 -6.53
C GLY D 16 -1.95 40.77 -6.74
N ASP D 17 -2.77 39.72 -6.73
CA ASP D 17 -2.31 38.35 -6.85
C ASP D 17 -2.09 37.91 -8.30
N SER D 18 -0.83 37.65 -8.65
CA SER D 18 -0.52 37.13 -9.95
C SER D 18 -1.01 38.03 -11.11
N THR D 19 -0.83 39.34 -10.98
CA THR D 19 -1.33 40.28 -11.97
C THR D 19 -0.23 40.67 -12.95
N PRO D 20 -0.59 40.95 -14.21
CA PRO D 20 0.34 41.51 -15.18
C PRO D 20 1.12 42.67 -14.63
N HIS D 21 0.48 43.55 -13.85
CA HIS D 21 1.19 44.67 -13.26
C HIS D 21 2.24 44.21 -12.27
N GLY D 22 1.91 43.24 -11.42
CA GLY D 22 2.90 42.79 -10.44
C GLY D 22 4.06 42.06 -11.06
N PHE D 23 3.78 41.19 -12.01
CA PHE D 23 4.84 40.48 -12.70
C PHE D 23 5.72 41.47 -13.52
N THR D 24 5.09 42.47 -14.12
CA THR D 24 5.83 43.48 -14.88
C THR D 24 6.71 44.31 -13.95
N ALA D 25 6.13 44.82 -12.88
CA ALA D 25 6.89 45.59 -11.91
C ALA D 25 8.09 44.79 -11.33
N THR D 26 7.84 43.56 -10.91
CA THR D 26 8.88 42.69 -10.34
C THR D 26 10.02 42.41 -11.34
N ALA D 27 9.68 42.25 -12.61
CA ALA D 27 10.66 42.02 -13.67
C ALA D 27 11.71 43.14 -13.78
N ALA D 28 11.38 44.34 -13.27
CA ALA D 28 12.28 45.49 -13.24
C ALA D 28 12.91 45.79 -11.89
N MSE D 29 12.71 44.97 -10.87
CA MSE D 29 13.22 45.23 -9.53
C MSE D 29 14.55 44.54 -9.27
O MSE D 29 14.91 43.58 -9.94
CB MSE D 29 12.24 44.78 -8.46
CG MSE D 29 10.91 45.42 -8.47
SE MSE D 29 9.95 44.90 -6.81
CE MSE D 29 8.29 45.31 -7.58
N ALA D 30 15.27 45.03 -8.28
CA ALA D 30 16.60 44.52 -7.94
C ALA D 30 16.50 43.35 -6.97
N LEU D 31 15.89 42.27 -7.45
CA LEU D 31 15.75 41.04 -6.68
C LEU D 31 16.03 39.90 -7.66
N GLU D 32 16.05 38.68 -7.15
CA GLU D 32 16.59 37.57 -7.90
C GLU D 32 15.59 36.65 -8.55
N GLU D 33 14.37 36.57 -8.01
CA GLU D 33 13.37 35.67 -8.51
C GLU D 33 11.95 36.21 -8.37
N VAL D 34 11.11 35.70 -9.23
CA VAL D 34 9.67 35.83 -9.11
C VAL D 34 9.14 34.40 -8.89
N GLU D 35 8.22 34.27 -7.93
CA GLU D 35 7.56 33.01 -7.67
C GLU D 35 6.15 33.08 -8.24
N PHE D 36 5.67 31.95 -8.73
CA PHE D 36 4.38 31.80 -9.31
C PHE D 36 3.98 30.33 -9.37
N ASP D 37 2.68 30.08 -9.52
CA ASP D 37 2.08 28.74 -9.59
C ASP D 37 1.37 28.61 -10.93
N LEU D 38 1.23 27.38 -11.43
CA LEU D 38 0.63 27.15 -12.73
C LEU D 38 -0.46 26.11 -12.68
N HIS D 39 -1.45 26.25 -13.55
CA HIS D 39 -2.48 25.23 -13.73
C HIS D 39 -2.82 25.05 -15.22
N PRO D 40 -3.14 23.82 -15.63
CA PRO D 40 -3.58 23.55 -16.97
C PRO D 40 -5.05 23.90 -17.13
N THR D 41 -5.43 24.27 -18.35
CA THR D 41 -6.82 24.47 -18.75
C THR D 41 -7.32 23.20 -19.43
N ALA D 42 -8.64 23.09 -19.59
CA ALA D 42 -9.24 21.89 -20.23
C ALA D 42 -8.77 21.70 -21.69
N ASP D 43 -8.41 22.81 -22.33
CA ASP D 43 -7.93 22.79 -23.71
C ASP D 43 -6.42 22.95 -23.84
N GLY D 44 -5.68 22.67 -22.78
CA GLY D 44 -4.22 22.57 -22.87
C GLY D 44 -3.35 23.81 -22.79
N ALA D 45 -3.91 24.93 -22.34
CA ALA D 45 -3.12 26.11 -22.05
C ALA D 45 -2.53 25.90 -20.66
N ILE D 46 -1.60 26.78 -20.27
CA ILE D 46 -1.00 26.78 -18.94
C ILE D 46 -1.15 28.18 -18.39
N VAL D 47 -1.89 28.30 -17.30
CA VAL D 47 -2.27 29.57 -16.70
C VAL D 47 -1.53 29.84 -15.41
N VAL D 48 -1.11 31.09 -15.21
CA VAL D 48 -0.45 31.54 -14.02
C VAL D 48 -1.53 31.97 -13.01
N HIS D 49 -1.68 31.17 -11.96
CA HIS D 49 -2.70 31.43 -10.93
C HIS D 49 -2.35 30.62 -9.70
N HIS D 50 -2.66 31.12 -8.51
CA HIS D 50 -2.33 30.40 -7.29
C HIS D 50 -3.27 29.21 -7.01
N ASP D 51 -4.52 29.48 -6.68
CA ASP D 51 -5.48 28.41 -6.43
C ASP D 51 -5.83 27.66 -7.73
N PRO D 52 -6.30 26.39 -7.61
CA PRO D 52 -6.76 25.65 -8.78
C PRO D 52 -8.12 26.12 -9.29
N THR D 53 -8.75 27.03 -8.56
CA THR D 53 -10.02 27.63 -8.92
C THR D 53 -9.84 29.15 -9.04
N LEU D 54 -10.74 29.79 -9.79
CA LEU D 54 -10.68 31.25 -10.00
C LEU D 54 -11.41 32.07 -8.92
N ASP D 55 -12.09 31.37 -8.01
CA ASP D 55 -13.00 32.03 -7.04
C ASP D 55 -12.39 33.10 -6.16
N ALA D 56 -11.24 32.80 -5.58
CA ALA D 56 -10.69 33.65 -4.54
C ALA D 56 -10.20 35.03 -5.01
N THR D 57 -9.54 35.08 -6.18
CA THR D 57 -8.90 36.29 -6.65
C THR D 57 -9.51 36.89 -7.93
N THR D 58 -10.65 36.37 -8.41
CA THR D 58 -11.25 36.93 -9.63
C THR D 58 -12.73 37.04 -9.40
N ASP D 59 -13.41 37.54 -10.42
CA ASP D 59 -14.87 37.65 -10.39
C ASP D 59 -15.57 36.39 -10.91
N MSE D 60 -14.80 35.34 -11.23
CA MSE D 60 -15.36 34.11 -11.80
C MSE D 60 -15.24 32.98 -10.80
O MSE D 60 -14.66 33.14 -9.74
CB MSE D 60 -14.67 33.73 -13.13
CG MSE D 60 -14.71 34.79 -14.24
SE MSE D 60 -16.55 35.05 -14.86
CE MSE D 60 -17.11 36.57 -13.82
N THR D 61 -15.82 31.83 -11.15
CA THR D 61 -15.83 30.68 -10.29
C THR D 61 -15.50 29.43 -11.10
N GLY D 62 -14.95 28.41 -10.45
CA GLY D 62 -14.69 27.15 -11.13
C GLY D 62 -13.23 26.76 -11.15
N ALA D 63 -13.00 25.48 -11.44
CA ALA D 63 -11.67 24.89 -11.50
C ALA D 63 -11.11 25.22 -12.85
N ILE D 64 -9.88 25.72 -12.86
CA ILE D 64 -9.21 26.12 -14.08
C ILE D 64 -9.09 24.95 -15.06
N VAL D 65 -8.85 23.74 -14.54
CA VAL D 65 -8.70 22.57 -15.40
C VAL D 65 -9.99 22.15 -16.14
N ASP D 66 -11.14 22.62 -15.64
CA ASP D 66 -12.43 22.35 -16.27
C ASP D 66 -12.82 23.41 -17.29
N MSE D 67 -12.04 24.47 -17.42
CA MSE D 67 -12.40 25.55 -18.32
C MSE D 67 -11.41 25.79 -19.45
O MSE D 67 -10.25 25.40 -19.37
CB MSE D 67 -12.71 26.86 -17.57
CG MSE D 67 -11.91 27.16 -16.36
SE MSE D 67 -12.64 28.58 -15.20
CE MSE D 67 -14.32 27.88 -14.85
N THR D 68 -11.90 26.40 -20.53
CA THR D 68 -11.07 26.75 -21.67
C THR D 68 -10.27 27.97 -21.32
N LEU D 69 -9.17 28.19 -22.00
CA LEU D 69 -8.39 29.41 -21.79
C LEU D 69 -9.22 30.67 -22.03
N ALA D 70 -10.09 30.63 -23.04
CA ALA D 70 -10.96 31.74 -23.37
C ALA D 70 -11.82 32.13 -22.17
N LYS D 71 -12.42 31.12 -21.54
CA LYS D 71 -13.24 31.35 -20.34
C LYS D 71 -12.37 31.98 -19.23
N VAL D 72 -11.19 31.42 -18.99
CA VAL D 72 -10.27 31.97 -17.96
C VAL D 72 -9.90 33.43 -18.24
N LYS D 73 -9.67 33.70 -19.51
CA LYS D 73 -9.30 35.05 -19.92
C LYS D 73 -10.41 36.12 -19.74
N THR D 74 -11.67 35.70 -19.58
CA THR D 74 -12.77 36.66 -19.34
C THR D 74 -12.78 37.08 -17.87
N ALA D 75 -12.06 36.34 -17.02
CA ALA D 75 -11.96 36.67 -15.60
C ALA D 75 -11.15 37.96 -15.37
N THR D 76 -11.59 38.75 -14.40
CA THR D 76 -10.89 39.95 -13.97
C THR D 76 -10.35 39.73 -12.57
N ILE D 77 -9.08 40.03 -12.39
CA ILE D 77 -8.38 39.81 -11.14
C ILE D 77 -8.68 40.94 -10.17
N ARG D 78 -9.07 40.57 -8.96
N ARG D 78 -9.16 40.60 -8.98
CA ARG D 78 -9.33 41.56 -7.93
CA ARG D 78 -9.47 41.63 -8.00
C ARG D 78 -8.11 42.40 -7.69
C ARG D 78 -8.20 42.37 -7.57
N TYR D 79 -8.34 43.69 -7.50
CA TYR D 79 -7.24 44.64 -7.28
C TYR D 79 -6.31 44.77 -8.50
N GLY D 80 -6.72 44.25 -9.65
CA GLY D 80 -5.88 44.17 -10.85
C GLY D 80 -6.19 45.19 -11.94
N ALA D 81 -7.03 46.18 -11.63
CA ALA D 81 -7.35 47.26 -12.56
C ALA D 81 -7.81 46.75 -13.92
N GLY D 82 -8.65 45.72 -13.93
CA GLY D 82 -9.18 45.19 -15.16
C GLY D 82 -8.36 44.10 -15.83
N SER D 83 -7.21 43.75 -15.27
CA SER D 83 -6.33 42.77 -15.91
C SER D 83 -6.87 41.37 -15.78
N HIS D 84 -6.39 40.51 -16.64
CA HIS D 84 -6.86 39.15 -16.74
C HIS D 84 -5.71 38.21 -16.43
N PRO D 85 -6.03 36.96 -16.06
CA PRO D 85 -4.94 36.02 -15.79
C PRO D 85 -4.00 35.79 -17.00
N MSE D 86 -2.71 35.60 -16.70
CA MSE D 86 -1.67 35.36 -17.70
C MSE D 86 -1.47 33.88 -18.02
O MSE D 86 -1.76 33.00 -17.21
CB MSE D 86 -0.32 35.87 -17.16
CG MSE D 86 -0.28 37.29 -16.77
SE MSE D 86 1.54 37.98 -16.50
CE MSE D 86 2.11 37.90 -18.34
N THR D 87 -0.96 33.61 -19.23
CA THR D 87 -0.49 32.27 -19.55
C THR D 87 1.02 32.24 -19.26
N LEU D 88 1.57 31.05 -19.17
CA LEU D 88 3.00 30.87 -18.98
C LEU D 88 3.78 31.57 -20.11
N GLU D 89 3.31 31.39 -21.33
CA GLU D 89 3.94 32.01 -22.52
C GLU D 89 4.08 33.52 -22.31
N GLU D 90 2.96 34.17 -21.97
CA GLU D 90 2.93 35.59 -21.69
C GLU D 90 3.85 35.99 -20.55
N LEU D 91 3.92 35.16 -19.50
CA LEU D 91 4.84 35.44 -18.39
C LEU D 91 6.31 35.36 -18.83
N CYS D 92 6.65 34.30 -19.56
CA CYS D 92 8.01 34.13 -20.07
C CYS D 92 8.39 35.39 -20.88
N ALA D 93 7.50 35.82 -21.79
CA ALA D 93 7.67 37.06 -22.58
C ALA D 93 8.11 38.24 -21.72
N LEU D 94 7.52 38.41 -20.53
CA LEU D 94 7.90 39.52 -19.65
C LEU D 94 9.28 39.40 -19.03
N TYR D 95 9.80 38.17 -18.90
CA TYR D 95 11.07 37.96 -18.16
C TYR D 95 12.25 37.60 -19.05
N VAL D 96 11.99 37.23 -20.30
CA VAL D 96 13.07 36.73 -21.17
C VAL D 96 14.26 37.69 -21.26
N ASP D 97 14.00 39.00 -21.27
CA ASP D 97 15.05 39.99 -21.35
C ASP D 97 15.37 40.62 -20.00
N SER D 98 14.78 40.09 -18.92
CA SER D 98 15.07 40.57 -17.56
C SER D 98 16.16 39.74 -16.88
N HIS D 99 16.76 40.26 -15.82
CA HIS D 99 17.73 39.49 -15.05
C HIS D 99 17.07 38.65 -13.96
N VAL D 100 15.77 38.84 -13.75
CA VAL D 100 15.02 38.10 -12.70
C VAL D 100 14.69 36.72 -13.20
N ASN D 101 14.91 35.73 -12.32
CA ASN D 101 14.70 34.33 -12.69
C ASN D 101 13.39 33.75 -12.11
N PHE D 102 13.11 32.48 -12.40
CA PHE D 102 11.83 31.85 -12.05
C PHE D 102 11.95 30.87 -10.87
N ARG D 103 10.92 30.90 -10.02
CA ARG D 103 10.71 29.91 -8.98
C ARG D 103 9.28 29.46 -9.27
N CYS D 104 9.15 28.29 -9.87
CA CYS D 104 7.89 27.83 -10.40
C CYS D 104 7.36 26.73 -9.51
N GLU D 105 6.17 26.93 -8.97
CA GLU D 105 5.58 25.93 -8.07
C GLU D 105 4.60 25.03 -8.78
N ILE D 106 4.75 23.72 -8.57
CA ILE D 106 3.86 22.71 -9.12
C ILE D 106 2.77 22.43 -8.07
N LYS D 107 1.51 22.78 -8.39
CA LYS D 107 0.42 22.69 -7.45
C LYS D 107 -0.58 21.72 -7.98
N PRO D 108 -1.27 21.02 -7.08
CA PRO D 108 -2.27 20.02 -7.49
C PRO D 108 -3.62 20.66 -7.85
N GLY D 109 -4.58 19.82 -8.27
CA GLY D 109 -5.91 20.31 -8.54
C GLY D 109 -6.73 20.40 -7.26
N VAL D 110 -8.02 20.63 -7.43
CA VAL D 110 -8.95 20.79 -6.32
C VAL D 110 -8.98 19.55 -5.41
N ASP D 111 -8.85 18.37 -5.99
CA ASP D 111 -8.83 17.12 -5.22
C ASP D 111 -7.49 16.86 -4.50
N GLY D 112 -6.51 17.73 -4.72
CA GLY D 112 -5.23 17.63 -4.03
C GLY D 112 -4.26 16.65 -4.64
N LEU D 113 -4.62 16.09 -5.80
CA LEU D 113 -3.72 15.22 -6.54
C LEU D 113 -2.99 15.96 -7.68
N PRO D 114 -1.76 15.55 -7.96
CA PRO D 114 -1.06 16.19 -9.06
C PRO D 114 -1.79 16.09 -10.39
N TYR D 115 -1.69 17.12 -11.23
CA TYR D 115 -2.23 17.09 -12.59
C TYR D 115 -1.38 16.11 -13.42
N GLU D 116 -2.02 15.11 -14.02
CA GLU D 116 -1.31 14.10 -14.79
C GLU D 116 -0.76 14.69 -16.08
N GLY D 117 0.51 14.41 -16.35
CA GLY D 117 1.24 14.88 -17.55
C GLY D 117 1.70 16.34 -17.48
N PHE D 118 1.32 17.03 -16.42
CA PHE D 118 1.51 18.48 -16.36
C PHE D 118 2.96 18.88 -16.21
N VAL D 119 3.76 18.17 -15.41
CA VAL D 119 5.19 18.50 -15.25
C VAL D 119 5.91 18.51 -16.61
N ALA D 120 5.67 17.51 -17.43
CA ALA D 120 6.29 17.43 -18.74
C ALA D 120 5.91 18.65 -19.58
N LEU D 121 4.64 19.05 -19.52
CA LEU D 121 4.14 20.20 -20.30
C LEU D 121 4.75 21.50 -19.87
N VAL D 122 4.88 21.67 -18.56
CA VAL D 122 5.50 22.85 -18.00
C VAL D 122 6.96 22.96 -18.42
N ILE D 123 7.68 21.85 -18.29
CA ILE D 123 9.09 21.80 -18.64
C ILE D 123 9.25 22.14 -20.14
N ALA D 124 8.40 21.55 -20.98
CA ALA D 124 8.44 21.78 -22.45
C ALA D 124 8.17 23.24 -22.79
N GLY D 125 7.18 23.81 -22.11
CA GLY D 125 6.85 25.22 -22.28
C GLY D 125 7.99 26.14 -21.90
N LEU D 126 8.59 25.91 -20.74
CA LEU D 126 9.72 26.72 -20.31
C LEU D 126 10.92 26.61 -21.26
N GLU D 127 11.16 25.41 -21.77
CA GLU D 127 12.29 25.16 -22.68
C GLU D 127 12.03 25.97 -23.94
N ARG D 128 10.81 25.83 -24.46
CA ARG D 128 10.37 26.54 -25.66
C ARG D 128 10.60 28.04 -25.58
N HIS D 129 10.36 28.66 -24.44
CA HIS D 129 10.51 30.11 -24.31
C HIS D 129 11.76 30.52 -23.56
N SER D 130 12.75 29.64 -23.58
CA SER D 130 14.11 29.90 -23.08
C SER D 130 14.21 30.27 -21.61
N MSE D 131 13.30 29.73 -20.80
CA MSE D 131 13.33 30.08 -19.40
C MSE D 131 13.61 28.89 -18.47
O MSE D 131 13.84 29.11 -17.29
CB MSE D 131 12.11 30.94 -19.05
CG MSE D 131 12.23 32.44 -19.68
SE MSE D 131 13.20 33.49 -18.66
CE MSE D 131 12.59 33.12 -16.78
N LEU D 132 13.65 27.67 -19.02
CA LEU D 132 13.93 26.46 -18.22
C LEU D 132 15.24 26.56 -17.49
N GLU D 133 16.29 27.01 -18.18
CA GLU D 133 17.63 27.12 -17.56
C GLU D 133 17.74 28.26 -16.55
N ARG D 134 16.65 28.98 -16.35
CA ARG D 134 16.60 30.01 -15.34
C ARG D 134 15.51 29.70 -14.30
N THR D 135 15.06 28.45 -14.22
CA THR D 135 13.99 28.11 -13.31
C THR D 135 14.42 27.13 -12.21
N THR D 136 14.00 27.44 -10.97
CA THR D 136 13.96 26.47 -9.87
C THR D 136 12.50 25.97 -9.71
N PHE D 137 12.30 24.68 -9.48
CA PHE D 137 10.95 24.11 -9.29
C PHE D 137 10.70 23.80 -7.82
N SER D 138 9.51 24.16 -7.36
CA SER D 138 9.12 23.90 -5.96
C SER D 138 7.80 23.18 -5.92
N SER D 139 7.54 22.46 -4.84
CA SER D 139 6.26 21.85 -4.60
C SER D 139 6.11 21.44 -3.14
N PHE D 140 4.88 21.46 -2.64
CA PHE D 140 4.60 20.85 -1.34
C PHE D 140 4.47 19.34 -1.48
N LEU D 141 4.24 18.84 -2.70
CA LEU D 141 4.00 17.41 -2.91
C LEU D 141 5.25 16.62 -3.28
N LEU D 142 5.56 15.61 -2.47
CA LEU D 142 6.65 14.68 -2.78
C LEU D 142 6.43 13.94 -4.09
N ALA D 143 5.19 13.58 -4.43
CA ALA D 143 4.95 12.94 -5.73
C ALA D 143 5.45 13.83 -6.86
N SER D 144 5.20 15.13 -6.75
CA SER D 144 5.64 16.10 -7.76
C SER D 144 7.16 16.28 -7.75
N MSE D 145 7.73 16.26 -6.56
N MSE D 145 7.73 16.32 -6.55
CA MSE D 145 9.18 16.36 -6.43
CA MSE D 145 9.19 16.37 -6.43
C MSE D 145 9.87 15.22 -7.12
C MSE D 145 9.79 15.24 -7.22
O MSE D 145 10.92 15.41 -7.73
O MSE D 145 10.70 15.47 -8.03
CB MSE D 145 9.59 16.41 -4.96
CB MSE D 145 9.64 16.26 -4.97
CG MSE D 145 9.02 17.60 -4.21
CG MSE D 145 9.53 17.54 -4.13
SE MSE D 145 9.68 19.30 -4.82
SE MSE D 145 10.90 18.91 -4.49
CE MSE D 145 8.89 19.52 -6.49
CE MSE D 145 9.88 19.93 -5.92
N ASP D 146 9.26 14.03 -7.03
CA ASP D 146 9.80 12.83 -7.66
C ASP D 146 9.63 12.88 -9.18
N GLU D 147 8.47 13.32 -9.65
CA GLU D 147 8.26 13.52 -11.09
C GLU D 147 9.29 14.47 -11.68
N LEU D 148 9.53 15.57 -10.98
CA LEU D 148 10.51 16.56 -11.39
C LEU D 148 11.94 15.99 -11.42
N TRP D 149 12.28 15.22 -10.41
CA TRP D 149 13.59 14.60 -10.36
C TRP D 149 13.81 13.72 -11.61
N LYS D 150 12.78 13.01 -12.05
CA LYS D 150 12.91 12.22 -13.28
C LYS D 150 12.99 13.07 -14.54
N ALA D 151 12.22 14.16 -14.59
CA ALA D 151 12.03 14.96 -15.79
C ALA D 151 13.01 16.10 -16.04
N THR D 152 13.71 16.58 -15.03
CA THR D 152 14.60 17.72 -15.20
C THR D 152 15.77 17.68 -14.25
N THR D 153 16.86 18.33 -14.67
CA THR D 153 18.05 18.48 -13.86
C THR D 153 18.06 19.83 -13.19
N ARG D 154 17.03 20.66 -13.44
CA ARG D 154 16.97 21.96 -12.80
C ARG D 154 16.79 21.78 -11.27
N PRO D 155 17.18 22.79 -10.49
CA PRO D 155 17.06 22.71 -9.05
C PRO D 155 15.62 22.50 -8.59
N ARG D 156 15.49 21.69 -7.54
CA ARG D 156 14.20 21.41 -6.91
C ARG D 156 14.21 21.92 -5.47
N LEU D 157 13.02 22.25 -4.96
CA LEU D 157 12.91 22.79 -3.62
C LEU D 157 11.60 22.24 -3.06
N TRP D 158 11.72 21.51 -1.95
CA TRP D 158 10.59 20.94 -1.26
C TRP D 158 10.04 21.93 -0.24
N LEU D 159 8.78 22.30 -0.45
CA LEU D 159 8.07 23.19 0.45
C LEU D 159 7.48 22.34 1.55
N VAL D 160 7.95 22.57 2.78
CA VAL D 160 7.56 21.76 3.92
C VAL D 160 6.62 22.60 4.78
N SER D 161 5.36 22.18 4.86
CA SER D 161 4.34 22.92 5.54
C SER D 161 4.51 22.82 7.05
N PRO D 162 3.95 23.81 7.78
CA PRO D 162 3.98 23.75 9.24
C PRO D 162 3.49 22.40 9.77
N SER D 163 2.40 21.88 9.19
CA SER D 163 1.89 20.54 9.56
C SER D 163 2.89 19.41 9.39
N VAL D 164 3.47 19.32 8.21
CA VAL D 164 4.48 18.30 7.94
C VAL D 164 5.68 18.45 8.87
N LEU D 165 6.20 19.67 8.99
CA LEU D 165 7.34 19.88 9.89
C LEU D 165 7.05 19.49 11.35
N GLN D 166 5.87 19.86 11.82
CA GLN D 166 5.52 19.58 13.20
C GLN D 166 5.28 18.09 13.46
N GLN D 167 4.62 17.42 12.53
CA GLN D 167 4.27 16.03 12.74
C GLN D 167 5.43 15.07 12.42
N LEU D 168 6.10 15.24 11.26
CA LEU D 168 7.28 14.45 10.96
C LEU D 168 8.36 14.76 11.96
N GLY D 169 8.49 16.04 12.34
CA GLY D 169 9.62 16.49 13.14
C GLY D 169 10.78 16.78 12.18
N PRO D 170 11.71 17.65 12.59
CA PRO D 170 12.82 18.02 11.66
C PRO D 170 13.69 16.84 11.24
N GLY D 171 13.90 15.92 12.17
CA GLY D 171 14.67 14.73 11.91
C GLY D 171 14.16 13.94 10.74
N ALA D 172 12.87 13.62 10.77
CA ALA D 172 12.26 12.82 9.70
C ALA D 172 12.05 13.64 8.44
N VAL D 173 11.84 14.96 8.58
CA VAL D 173 11.74 15.81 7.38
C VAL D 173 13.07 15.69 6.59
N ILE D 174 14.19 15.82 7.29
CA ILE D 174 15.54 15.69 6.70
C ILE D 174 15.76 14.28 6.09
N GLU D 175 15.39 13.22 6.83
CA GLU D 175 15.52 11.85 6.30
C GLU D 175 14.78 11.68 4.99
N THR D 176 13.58 12.24 4.96
CA THR D 176 12.69 12.13 3.81
C THR D 176 13.28 12.85 2.62
N ALA D 177 13.78 14.08 2.83
CA ALA D 177 14.44 14.83 1.75
C ALA D 177 15.62 14.03 1.17
N ILE D 178 16.46 13.51 2.05
CA ILE D 178 17.60 12.69 1.65
C ILE D 178 17.14 11.47 0.88
N ALA D 179 16.15 10.76 1.38
CA ALA D 179 15.64 9.56 0.68
C ALA D 179 15.11 9.85 -0.70
N HIS D 180 14.57 11.07 -0.88
CA HIS D 180 14.04 11.52 -2.16
C HIS D 180 14.99 12.32 -3.07
N SER D 181 16.29 12.35 -2.73
N SER D 181 16.27 12.37 -2.67
CA SER D 181 17.27 13.08 -3.52
CA SER D 181 17.30 13.07 -3.42
C SER D 181 16.92 14.58 -3.63
C SER D 181 16.95 14.56 -3.61
N ILE D 182 16.41 15.15 -2.54
CA ILE D 182 16.05 16.54 -2.47
C ILE D 182 17.19 17.25 -1.76
N HIS D 183 17.57 18.41 -2.26
CA HIS D 183 18.75 19.11 -1.72
C HIS D 183 18.44 20.46 -1.11
N GLU D 184 17.18 20.87 -1.09
CA GLU D 184 16.81 22.12 -0.46
C GLU D 184 15.37 22.02 0.04
N ILE D 185 15.11 22.58 1.21
CA ILE D 185 13.76 22.70 1.69
C ILE D 185 13.42 24.16 1.94
N GLY D 186 12.12 24.45 1.96
CA GLY D 186 11.61 25.78 2.27
C GLY D 186 10.55 25.63 3.35
N VAL D 187 10.67 26.37 4.44
CA VAL D 187 9.69 26.34 5.54
C VAL D 187 9.05 27.71 5.72
N HIS D 188 7.86 27.73 6.31
CA HIS D 188 7.17 28.97 6.61
C HIS D 188 8.08 29.75 7.54
N ILE D 189 8.28 31.04 7.28
CA ILE D 189 9.17 31.86 8.09
C ILE D 189 8.86 31.75 9.62
N ASP D 190 7.58 31.65 9.98
CA ASP D 190 7.20 31.56 11.39
C ASP D 190 7.62 30.25 12.05
N THR D 191 7.97 29.25 11.27
CA THR D 191 8.46 27.96 11.82
C THR D 191 9.96 27.82 11.73
N ALA D 192 10.63 28.88 11.28
CA ALA D 192 12.09 28.84 11.09
C ALA D 192 12.78 29.41 12.32
N ASP D 193 13.98 28.89 12.60
CA ASP D 193 14.85 29.44 13.63
C ASP D 193 16.28 28.99 13.34
N ALA D 194 17.26 29.55 14.04
CA ALA D 194 18.66 29.19 13.79
C ALA D 194 18.95 27.72 13.98
N GLY D 195 18.31 27.13 14.97
CA GLY D 195 18.50 25.71 15.26
C GLY D 195 18.07 24.79 14.12
N LEU D 196 16.89 25.03 13.56
CA LEU D 196 16.39 24.27 12.44
C LEU D 196 17.28 24.46 11.22
N MSE D 197 17.67 25.69 10.94
CA MSE D 197 18.53 25.94 9.81
C MSE D 197 19.82 25.17 9.94
O MSE D 197 20.27 24.54 8.98
CB MSE D 197 18.83 27.44 9.70
CG MSE D 197 19.68 27.75 8.51
SE MSE D 197 19.82 29.67 8.29
CE MSE D 197 21.23 29.64 7.03
N ALA D 198 20.39 25.17 11.15
CA ALA D 198 21.65 24.48 11.40
C ALA D 198 21.52 23.00 11.18
N GLN D 199 20.44 22.41 11.70
CA GLN D 199 20.20 20.96 11.54
C GLN D 199 20.04 20.62 10.07
N VAL D 200 19.31 21.45 9.32
CA VAL D 200 19.09 21.20 7.91
C VAL D 200 20.39 21.30 7.09
N GLN D 201 21.16 22.35 7.33
CA GLN D 201 22.42 22.52 6.63
C GLN D 201 23.46 21.46 7.00
N ALA D 202 23.46 21.02 8.26
CA ALA D 202 24.34 19.94 8.69
C ALA D 202 24.11 18.68 7.86
N ALA D 203 22.91 18.51 7.29
CA ALA D 203 22.60 17.36 6.48
C ALA D 203 22.94 17.55 5.00
N GLY D 204 23.56 18.68 4.68
CA GLY D 204 23.93 19.00 3.30
C GLY D 204 22.79 19.56 2.47
N LEU D 205 21.74 20.05 3.13
CA LEU D 205 20.60 20.65 2.48
C LEU D 205 20.64 22.17 2.56
N ASP D 206 20.19 22.84 1.50
CA ASP D 206 19.98 24.29 1.56
C ASP D 206 18.67 24.56 2.30
N PHE D 207 18.59 25.74 2.91
CA PHE D 207 17.47 26.16 3.75
C PHE D 207 17.01 27.57 3.40
N GLY D 208 15.72 27.70 3.13
CA GLY D 208 15.10 28.98 2.88
C GLY D 208 13.69 28.99 3.48
N CYS D 209 13.01 30.10 3.25
CA CYS D 209 11.70 30.30 3.81
C CYS D 209 10.70 30.86 2.82
N TRP D 210 9.44 30.88 3.26
CA TRP D 210 8.34 31.40 2.52
C TRP D 210 7.32 32.06 3.48
N ALA D 211 6.38 32.80 2.90
CA ALA D 211 5.39 33.60 3.66
C ALA D 211 6.00 34.73 4.52
N ALA D 212 7.14 35.27 4.08
CA ALA D 212 7.81 36.39 4.82
C ALA D 212 7.27 37.72 4.29
N HIS D 213 6.14 38.14 4.85
CA HIS D 213 5.34 39.26 4.30
C HIS D 213 5.40 40.58 5.07
N THR D 214 5.78 40.55 6.34
CA THR D 214 5.88 41.71 7.22
C THR D 214 7.37 42.04 7.50
N PRO D 215 7.66 43.26 8.00
CA PRO D 215 9.05 43.63 8.30
C PRO D 215 9.78 42.71 9.27
N SER D 216 9.10 42.31 10.35
CA SER D 216 9.74 41.45 11.32
C SER D 216 10.03 40.08 10.70
N GLN D 217 9.18 39.62 9.80
CA GLN D 217 9.41 38.33 9.11
C GLN D 217 10.58 38.44 8.12
N ILE D 218 10.57 39.50 7.31
CA ILE D 218 11.66 39.77 6.38
C ILE D 218 12.98 39.94 7.11
N THR D 219 12.98 40.71 8.19
CA THR D 219 14.19 40.91 9.00
C THR D 219 14.68 39.61 9.61
N LYS D 220 13.75 38.77 10.07
CA LYS D 220 14.09 37.45 10.59
C LYS D 220 14.78 36.60 9.52
N ALA D 221 14.21 36.57 8.32
CA ALA D 221 14.80 35.83 7.22
C ALA D 221 16.23 36.30 6.93
N LEU D 222 16.40 37.63 6.88
CA LEU D 222 17.73 38.24 6.67
C LEU D 222 18.69 37.97 7.83
N ASP D 223 18.22 38.13 9.07
CA ASP D 223 19.05 37.87 10.24
C ASP D 223 19.54 36.41 10.32
N LEU D 224 18.66 35.48 10.00
CA LEU D 224 19.03 34.07 9.96
C LEU D 224 19.99 33.74 8.85
N GLY D 225 20.09 34.61 7.84
CA GLY D 225 20.94 34.35 6.68
C GLY D 225 20.44 33.27 5.75
N VAL D 226 19.12 33.15 5.58
CA VAL D 226 18.58 32.03 4.79
C VAL D 226 18.96 32.15 3.31
N LYS D 227 18.90 31.04 2.57
CA LYS D 227 19.26 31.08 1.14
C LYS D 227 18.38 32.03 0.34
N VAL D 228 17.09 32.00 0.65
CA VAL D 228 16.10 32.69 -0.16
C VAL D 228 14.81 32.76 0.62
N PHE D 229 14.01 33.77 0.35
CA PHE D 229 12.63 33.82 0.90
C PHE D 229 11.66 34.40 -0.11
N THR D 230 10.40 33.93 -0.09
CA THR D 230 9.34 34.49 -0.89
C THR D 230 8.59 35.53 -0.04
N THR D 231 8.17 36.61 -0.69
CA THR D 231 7.52 37.71 -0.02
C THR D 231 6.44 38.39 -0.84
N ASP D 232 5.36 38.81 -0.17
CA ASP D 232 4.28 39.56 -0.83
C ASP D 232 4.60 41.07 -0.90
N ARG D 233 5.67 41.51 -0.26
N ARG D 233 5.71 41.49 -0.28
CA ARG D 233 6.10 42.91 -0.27
CA ARG D 233 6.15 42.88 -0.26
C ARG D 233 7.56 43.02 -0.76
C ARG D 233 7.59 43.01 -0.76
N PRO D 234 7.80 42.71 -2.05
CA PRO D 234 9.17 42.73 -2.62
C PRO D 234 9.91 44.04 -2.51
N THR D 235 9.17 45.16 -2.63
CA THR D 235 9.75 46.49 -2.50
C THR D 235 10.30 46.71 -1.11
N LEU D 236 9.56 46.34 -0.08
CA LEU D 236 10.03 46.47 1.29
C LEU D 236 11.20 45.52 1.55
N ALA D 237 11.15 44.34 0.93
CA ALA D 237 12.14 43.32 1.16
C ALA D 237 13.50 43.79 0.62
N ILE D 238 13.48 44.37 -0.58
CA ILE D 238 14.66 44.95 -1.20
C ILE D 238 15.26 46.07 -0.32
N ALA D 239 14.40 46.95 0.19
CA ALA D 239 14.82 48.04 1.05
C ALA D 239 15.42 47.58 2.38
N LEU D 240 14.80 46.59 3.01
CA LEU D 240 15.30 46.05 4.27
C LEU D 240 16.63 45.32 4.07
N ARG D 241 16.79 44.66 2.94
CA ARG D 241 18.00 43.88 2.69
C ARG D 241 19.15 44.85 2.47
N THR D 242 18.89 45.89 1.70
CA THR D 242 19.88 46.96 1.54
C THR D 242 20.31 47.52 2.88
N GLU D 243 19.34 47.85 3.74
CA GLU D 243 19.67 48.34 5.07
C GLU D 243 20.40 47.31 5.93
N HIS D 244 20.09 46.03 5.75
CA HIS D 244 20.74 44.96 6.54
C HIS D 244 22.20 44.84 6.16
N ARG D 245 22.42 44.86 4.85
CA ARG D 245 23.72 44.80 4.20
C ARG D 245 24.66 45.94 4.59
N MSE D 246 24.09 47.09 4.93
N MSE D 246 24.09 47.09 4.94
CA MSE D 246 24.87 48.24 5.38
CA MSE D 246 24.89 48.25 5.34
C MSE D 246 25.29 48.13 6.84
C MSE D 246 25.22 48.27 6.85
O MSE D 246 26.40 48.54 7.19
O MSE D 246 26.18 48.91 7.26
CB MSE D 246 24.07 49.54 5.20
CB MSE D 246 24.21 49.55 4.86
CG MSE D 246 23.93 49.98 3.75
CG MSE D 246 24.19 49.67 3.31
SE MSE D 246 25.60 50.53 2.88
SE MSE D 246 23.36 51.31 2.52
CE MSE D 246 26.18 51.92 4.18
CE MSE D 246 23.54 50.88 0.59
N GLU D 247 24.43 47.58 7.68
CA GLU D 247 24.71 47.47 9.13
C GLU D 247 25.89 46.55 9.44
O1 UNL E . -8.06 11.47 18.40
O2 UNL E . -7.26 11.28 16.29
O3 UNL E . -9.04 10.26 17.01
O4 UNL E . -7.88 9.24 16.95
MG MG F . -6.98 12.09 20.26
CL CL G . -17.23 -6.13 12.96
C ACT H . -8.80 14.43 16.61
O ACT H . -9.82 14.42 15.86
OXT ACT H . -8.96 14.41 17.86
CH3 ACT H . -7.42 14.44 16.03
C ACT I . -3.77 17.06 15.58
O ACT I . -4.99 16.78 15.54
OXT ACT I . -3.30 17.22 16.73
CH3 ACT I . -2.91 17.21 14.34
C1 PEG J . 12.54 3.61 14.73
O1 PEG J . 13.10 2.33 14.37
C2 PEG J . 13.45 4.77 14.32
O2 PEG J . 13.43 4.98 12.89
C3 PEG J . 14.23 6.07 12.44
C4 PEG J . 13.97 6.30 10.96
O4 PEG J . 15.05 5.81 10.16
O1 UNL K . -15.73 -11.95 -22.07
O2 UNL K . -15.53 -13.87 -22.73
O3 UNL K . -16.32 -14.26 -20.90
O4 UNL K . -14.80 -14.72 -21.33
MG MG L . -14.29 -10.35 -22.49
C ACT M . -18.36 -12.11 -24.02
O ACT M . -19.44 -12.66 -23.72
OXT ACT M . -18.05 -11.08 -23.38
CH3 ACT M . -17.44 -12.67 -25.05
C ACT N . 0.49 -21.63 -37.13
O ACT N . 0.68 -20.47 -36.68
OXT ACT N . -0.25 -21.65 -38.16
CH3 ACT N . 1.08 -22.89 -36.51
O1 UNL O . 11.56 -28.34 7.47
O2 UNL O . 9.07 -29.01 6.73
O3 UNL O . 10.98 -29.79 5.72
O4 UNL O . 10.26 -28.79 4.81
MG MG P . 12.25 -26.37 8.15
C ACT Q . 10.43 -30.24 9.76
O ACT Q . 11.54 -29.70 10.01
OXT ACT Q . 10.42 -31.49 9.77
CH3 ACT Q . 9.22 -29.42 9.44
O1 UNL R . 6.83 29.78 -1.81
O2 UNL R . 4.11 30.00 -2.80
O3 UNL R . 5.81 30.69 -1.56
MG MG S . 3.29 29.29 -4.67
C ACT T . 1.86 30.09 -0.23
O ACT T . 1.65 30.53 -1.39
OXT ACT T . 1.93 30.93 0.71
CH3 ACT T . 2.01 28.63 0.04
C1 PEG U . 11.88 7.30 -3.76
O1 PEG U . 12.05 7.33 -2.34
C2 PEG U . 12.14 8.66 -4.39
O2 PEG U . 13.17 8.55 -5.38
C3 PEG U . 13.82 9.77 -5.79
C4 PEG U . 15.27 9.48 -6.10
O4 PEG U . 15.96 8.97 -4.93
#